data_7E9L
#
_entry.id   7E9L
#
_cell.length_a   92.394
_cell.length_b   104.440
_cell.length_c   126.836
_cell.angle_alpha   90.000
_cell.angle_beta   90.000
_cell.angle_gamma   90.000
#
_symmetry.space_group_name_H-M   'P 21 21 21'
#
loop_
_entity.id
_entity.type
_entity.pdbx_description
1 polymer 'Protein O-linked-mannose beta-1,4-N-acetylglucosaminyltransferase 2'
2 polymer 'mono-mannosyl peptide (379Man short peptide)'
3 branched 2-acetamido-2-deoxy-beta-D-glucopyranose-(1-4)-2-acetamido-2-deoxy-beta-D-glucopyranose
4 non-polymer 2-acetamido-2-deoxy-beta-D-glucopyranose
5 non-polymer "URIDINE-5'-DIPHOSPHATE"
6 non-polymer 2-AMINO-2-HYDROXYMETHYL-PROPANE-1,3-DIOL
7 non-polymer alpha-D-mannopyranose
8 water water
#
loop_
_entity_poly.entity_id
_entity_poly.type
_entity_poly.pdbx_seq_one_letter_code
_entity_poly.pdbx_strand_id
1 'polypeptide(L)'
;GAPPAPALRIDYPKALQILTEGGTHMVCTGRTHTDRLCRFKWLCYSSEAEEFIFFHGNASVMLPSLGSRRFQPALLDLST
VEDHNTQYFNFVELPAAALRFMPKPVFVPDVALIANRFNPDNLMHVFHDDLLPLFYTLRQFPGLAREARLFFMEGWGEGA
HFDLYKLLSPKQPLLRAQLKALGRLLCFSHAFVGLSKVTTWYQYGFVQPQGPKANILVSGNEIRQFAHFLMEKLNVSQAG
GPLGEEYILVFSRTQNRLILNEAELLLALAQEFQMKTVTVSLEDHAFADVVRLVSNASMLVSMHGAQLVTALFLPRGAAV
VELFPYAVNPDHYTPYKTLATLPGMDLQYIAWQNTMPENTVTHPERPWDQGGIAHLDRAEQARILQSREVPRHLCCRNPE
WLFRIYQDTKVDIPSLIQTIRRVVKGHPGPRKQKWTVSLYPGKVREARCQASVQGASEARLSVSWQIPWNLKYLKVREVK
YEVWLQEQGENTYVPYMLALQNHTFTENIKPFTTYLVWIRCIFNKTLLGPFADVLVCST
;
A,B
2 'polypeptide(L)' (ACE)QTPTLGPIQPTR(NH2) C
#
# COMPACT_ATOMS: atom_id res chain seq x y z
N ARG A 9 -19.72 -18.63 -17.47
CA ARG A 9 -20.89 -18.38 -18.29
C ARG A 9 -21.07 -16.88 -18.54
N ILE A 10 -21.47 -16.51 -19.76
CA ILE A 10 -21.68 -15.10 -20.11
C ILE A 10 -22.91 -15.02 -21.02
N ASP A 11 -23.93 -14.28 -20.57
CA ASP A 11 -25.06 -13.87 -21.39
C ASP A 11 -24.64 -12.58 -22.08
N TYR A 12 -24.31 -12.66 -23.39
CA TYR A 12 -23.59 -11.57 -24.02
C TYR A 12 -24.35 -10.25 -24.01
N PRO A 13 -25.60 -10.16 -24.47
CA PRO A 13 -26.29 -8.86 -24.42
C PRO A 13 -26.51 -8.33 -23.02
N LYS A 14 -26.68 -9.19 -22.02
CA LYS A 14 -26.76 -8.71 -20.64
C LYS A 14 -25.43 -8.09 -20.21
N ALA A 15 -24.32 -8.77 -20.50
CA ALA A 15 -23.02 -8.21 -20.17
C ALA A 15 -22.80 -6.88 -20.88
N LEU A 16 -23.20 -6.78 -22.15
CA LEU A 16 -22.97 -5.54 -22.89
C LEU A 16 -23.79 -4.40 -22.28
N GLN A 17 -25.03 -4.70 -21.86
CA GLN A 17 -25.86 -3.66 -21.25
C GLN A 17 -25.30 -3.17 -19.91
N ILE A 18 -24.87 -4.08 -19.05
CA ILE A 18 -24.20 -3.71 -17.79
C ILE A 18 -23.00 -2.79 -18.07
N LEU A 19 -22.14 -3.20 -19.01
CA LEU A 19 -20.98 -2.39 -19.38
C LEU A 19 -21.39 -1.02 -19.89
N THR A 20 -22.24 -0.99 -20.91
CA THR A 20 -22.63 0.26 -21.54
C THR A 20 -23.33 1.22 -20.58
N GLU A 21 -24.17 0.70 -19.69
CA GLU A 21 -24.90 1.55 -18.76
C GLU A 21 -24.05 1.92 -17.54
N GLY A 22 -23.40 0.93 -16.93
CA GLY A 22 -22.75 1.14 -15.64
C GLY A 22 -21.28 1.52 -15.75
N GLY A 23 -20.58 1.01 -16.77
CA GLY A 23 -19.20 1.36 -16.97
C GLY A 23 -18.25 0.59 -16.06
N THR A 24 -17.00 1.06 -16.05
CA THR A 24 -15.91 0.41 -15.35
C THR A 24 -15.90 0.76 -13.86
N HIS A 25 -15.48 -0.21 -13.04
CA HIS A 25 -15.41 -0.12 -11.58
C HIS A 25 -13.96 -0.38 -11.18
N MET A 26 -13.37 0.49 -10.35
CA MET A 26 -11.96 0.32 -9.96
C MET A 26 -11.78 0.60 -8.49
N VAL A 27 -11.23 -0.38 -7.77
CA VAL A 27 -10.86 -0.25 -6.36
C VAL A 27 -9.42 -0.76 -6.21
N CYS A 28 -8.52 0.10 -5.67
CA CYS A 28 -7.10 -0.20 -5.56
C CYS A 28 -6.62 0.09 -4.15
N THR A 29 -5.60 -0.66 -3.73
CA THR A 29 -4.89 -0.48 -2.48
C THR A 29 -3.79 0.57 -2.64
N GLY A 30 -3.24 1.02 -1.51
CA GLY A 30 -2.08 1.91 -1.51
C GLY A 30 -2.31 3.40 -1.72
N ARG A 31 -1.46 4.21 -1.11
CA ARG A 31 -1.51 5.65 -1.37
C ARG A 31 -0.48 6.08 -2.40
N THR A 32 0.32 5.15 -2.92
CA THR A 32 1.30 5.47 -3.95
C THR A 32 1.22 4.45 -5.08
N HIS A 33 1.63 4.89 -6.28
CA HIS A 33 1.68 4.01 -7.45
C HIS A 33 2.65 2.86 -7.27
N THR A 34 3.62 3.00 -6.37
CA THR A 34 4.63 1.96 -6.17
C THR A 34 4.16 0.90 -5.19
N ASP A 35 2.99 1.09 -4.56
CA ASP A 35 2.46 0.21 -3.52
C ASP A 35 0.99 -0.09 -3.79
N ARG A 36 0.63 -0.44 -5.03
CA ARG A 36 -0.77 -0.41 -5.44
C ARG A 36 -1.14 -1.64 -6.24
N LEU A 37 -2.20 -2.32 -5.81
CA LEU A 37 -2.88 -3.38 -6.56
C LEU A 37 -4.33 -2.93 -6.81
N CYS A 38 -4.84 -3.19 -8.01
CA CYS A 38 -6.16 -2.71 -8.42
C CYS A 38 -7.09 -3.86 -8.75
N ARG A 39 -8.35 -3.77 -8.30
CA ARG A 39 -9.42 -4.66 -8.73
C ARG A 39 -10.36 -3.89 -9.65
N PHE A 40 -10.55 -4.41 -10.86
CA PHE A 40 -11.39 -3.81 -11.88
C PHE A 40 -12.56 -4.72 -12.21
N LYS A 41 -13.70 -4.12 -12.55
CA LYS A 41 -14.78 -4.80 -13.25
C LYS A 41 -15.07 -3.99 -14.51
N TRP A 42 -15.18 -4.69 -15.64
CA TRP A 42 -15.48 -4.08 -16.93
C TRP A 42 -14.38 -3.11 -17.35
N LEU A 43 -13.13 -3.50 -17.09
CA LEU A 43 -11.97 -2.84 -17.67
C LEU A 43 -11.81 -3.36 -19.09
N CYS A 44 -11.70 -2.46 -20.06
CA CYS A 44 -11.56 -2.88 -21.43
C CYS A 44 -10.18 -2.53 -21.98
N TYR A 45 -9.94 -2.93 -23.23
CA TYR A 45 -8.61 -2.85 -23.83
C TYR A 45 -8.77 -2.78 -25.34
N SER A 46 -8.17 -1.77 -25.96
CA SER A 46 -8.19 -1.68 -27.40
C SER A 46 -6.90 -2.33 -27.88
N SER A 47 -7.02 -3.40 -28.67
CA SER A 47 -5.80 -4.07 -29.08
C SER A 47 -5.15 -3.35 -30.25
N GLU A 48 -5.92 -2.53 -30.98
CA GLU A 48 -5.36 -1.63 -31.98
C GLU A 48 -4.45 -0.58 -31.33
N ALA A 49 -4.98 0.16 -30.35
CA ALA A 49 -4.21 1.20 -29.69
C ALA A 49 -3.29 0.66 -28.60
N GLU A 50 -3.47 -0.60 -28.16
CA GLU A 50 -2.73 -1.18 -27.03
C GLU A 50 -2.90 -0.32 -25.77
N GLU A 51 -4.12 0.16 -25.56
CA GLU A 51 -4.44 0.95 -24.39
C GLU A 51 -5.56 0.27 -23.60
N PHE A 52 -5.43 0.25 -22.29
CA PHE A 52 -6.57 -0.09 -21.45
C PHE A 52 -7.54 1.10 -21.40
N ILE A 53 -8.82 0.81 -21.16
CA ILE A 53 -9.90 1.78 -21.27
C ILE A 53 -10.77 1.71 -20.01
N PHE A 54 -10.91 2.83 -19.32
CA PHE A 54 -11.91 3.01 -18.28
C PHE A 54 -13.12 3.68 -18.91
N PHE A 55 -14.28 3.00 -18.88
CA PHE A 55 -15.53 3.54 -19.40
C PHE A 55 -16.33 4.15 -18.27
N HIS A 56 -16.63 5.46 -18.36
CA HIS A 56 -17.43 6.11 -17.33
C HIS A 56 -18.92 5.84 -17.58
N GLY A 57 -19.58 5.17 -16.64
CA GLY A 57 -21.01 4.92 -16.70
C GLY A 57 -21.70 5.29 -15.41
N ASN A 58 -22.96 4.89 -15.23
CA ASN A 58 -23.66 5.39 -14.06
C ASN A 58 -23.32 4.64 -12.77
N ALA A 59 -22.53 3.56 -12.84
CA ALA A 59 -22.11 2.86 -11.64
C ALA A 59 -20.60 2.92 -11.45
N SER A 60 -19.92 3.74 -12.24
CA SER A 60 -18.45 3.80 -12.23
C SER A 60 -17.93 4.23 -10.86
N VAL A 61 -16.76 3.70 -10.52
CA VAL A 61 -16.08 4.00 -9.27
C VAL A 61 -14.59 4.05 -9.59
N MET A 62 -13.89 5.05 -9.06
CA MET A 62 -12.45 5.17 -9.31
C MET A 62 -11.78 5.47 -7.97
N LEU A 63 -11.18 4.46 -7.38
CA LEU A 63 -10.47 4.61 -6.10
C LEU A 63 -9.09 3.99 -6.27
N PRO A 64 -8.01 4.77 -6.16
CA PRO A 64 -8.08 6.22 -5.88
C PRO A 64 -8.64 7.04 -7.07
N SER A 65 -9.20 8.21 -6.79
CA SER A 65 -9.67 9.14 -7.80
C SER A 65 -8.63 10.26 -7.79
N LEU A 66 -7.74 10.25 -8.77
CA LEU A 66 -6.49 11.01 -8.70
C LEU A 66 -6.49 12.29 -9.52
N GLY A 67 -7.48 12.50 -10.40
CA GLY A 67 -7.42 13.65 -11.29
C GLY A 67 -6.16 13.63 -12.14
N SER A 68 -5.53 14.81 -12.30
CA SER A 68 -4.30 14.91 -13.08
C SER A 68 -3.14 14.15 -12.46
N ARG A 69 -3.21 13.87 -11.16
CA ARG A 69 -2.15 13.11 -10.51
C ARG A 69 -2.09 11.66 -10.98
N ARG A 70 -3.08 11.21 -11.75
CA ARG A 70 -2.98 9.87 -12.32
C ARG A 70 -1.81 9.75 -13.29
N PHE A 71 -1.28 10.86 -13.78
CA PHE A 71 -0.12 10.86 -14.66
C PHE A 71 1.11 11.41 -13.97
N GLN A 72 1.18 11.30 -12.64
CA GLN A 72 2.32 11.79 -11.88
C GLN A 72 2.83 10.68 -10.97
N PRO A 73 3.42 9.62 -11.56
CA PRO A 73 3.66 9.42 -12.98
C PRO A 73 2.61 8.50 -13.68
N ALA A 74 1.83 7.75 -12.90
CA ALA A 74 1.00 6.70 -13.46
C ALA A 74 0.12 6.17 -12.34
N LEU A 75 -0.81 5.28 -12.69
CA LEU A 75 -1.66 4.66 -11.67
C LEU A 75 -0.89 3.65 -10.83
N LEU A 76 -0.11 2.77 -11.45
CA LEU A 76 0.63 1.81 -10.64
C LEU A 76 1.82 1.25 -11.42
N ASP A 77 2.78 0.66 -10.68
CA ASP A 77 3.88 -0.09 -11.30
C ASP A 77 3.33 -1.41 -11.84
N LEU A 78 3.63 -1.73 -13.10
CA LEU A 78 3.09 -2.98 -13.64
C LEU A 78 4.05 -4.16 -13.49
N SER A 79 5.34 -3.90 -13.27
CA SER A 79 6.28 -4.92 -12.84
C SER A 79 6.56 -4.70 -11.35
N THR A 80 7.38 -5.56 -10.75
CA THR A 80 7.79 -5.35 -9.37
C THR A 80 9.06 -4.50 -9.23
N VAL A 81 9.58 -3.94 -10.31
CA VAL A 81 10.72 -3.02 -10.21
C VAL A 81 10.17 -1.63 -9.85
N GLU A 82 10.65 -1.09 -8.75
CA GLU A 82 10.02 0.11 -8.20
C GLU A 82 10.12 1.29 -9.16
N ASP A 83 8.98 1.86 -9.52
CA ASP A 83 8.94 3.15 -10.23
C ASP A 83 9.80 3.15 -11.50
N HIS A 84 9.77 2.06 -12.24
CA HIS A 84 10.52 2.00 -13.49
C HIS A 84 9.68 2.68 -14.57
N ASN A 85 10.27 3.63 -15.27
CA ASN A 85 9.42 4.51 -16.07
C ASN A 85 9.03 3.95 -17.44
N THR A 86 9.44 2.71 -17.82
CA THR A 86 8.80 2.03 -18.94
C THR A 86 7.90 0.90 -18.50
N GLN A 87 7.63 0.74 -17.20
CA GLN A 87 6.83 -0.37 -16.67
C GLN A 87 5.51 0.09 -16.03
N TYR A 88 5.04 1.29 -16.35
CA TYR A 88 3.85 1.81 -15.69
C TYR A 88 2.56 1.21 -16.27
N PHE A 89 1.53 1.12 -15.44
CA PHE A 89 0.17 0.88 -15.92
C PHE A 89 -0.65 2.17 -15.89
N ASN A 90 -1.43 2.39 -16.95
CA ASN A 90 -2.49 3.38 -16.92
C ASN A 90 -3.56 2.98 -17.91
N PHE A 91 -4.67 3.71 -17.91
CA PHE A 91 -5.73 3.54 -18.88
C PHE A 91 -6.07 4.91 -19.47
N VAL A 92 -6.82 4.88 -20.57
CA VAL A 92 -7.43 6.06 -21.15
C VAL A 92 -8.92 5.97 -20.85
N GLU A 93 -9.58 7.13 -20.76
CA GLU A 93 -10.97 7.20 -20.33
C GLU A 93 -11.88 7.57 -21.50
N LEU A 94 -13.08 6.98 -21.53
CA LEU A 94 -14.15 7.32 -22.47
C LEU A 94 -15.46 7.30 -21.70
N PRO A 95 -16.47 8.04 -22.15
CA PRO A 95 -17.83 7.77 -21.66
C PRO A 95 -18.28 6.40 -22.15
N ALA A 96 -19.02 5.69 -21.28
CA ALA A 96 -19.50 4.36 -21.69
C ALA A 96 -20.36 4.44 -22.94
N ALA A 97 -21.01 5.58 -23.18
CA ALA A 97 -21.82 5.72 -24.37
C ALA A 97 -21.02 5.69 -25.67
N ALA A 98 -19.70 5.96 -25.61
CA ALA A 98 -18.90 5.89 -26.84
C ALA A 98 -18.82 4.48 -27.41
N LEU A 99 -19.24 3.46 -26.64
CA LEU A 99 -19.31 2.09 -27.16
C LEU A 99 -20.12 1.99 -28.45
N ARG A 100 -21.12 2.86 -28.64
CA ARG A 100 -21.93 2.79 -29.86
C ARG A 100 -21.12 3.08 -31.10
N PHE A 101 -19.96 3.73 -30.97
CA PHE A 101 -19.10 4.10 -32.08
C PHE A 101 -17.95 3.12 -32.28
N MET A 102 -17.94 2.02 -31.56
CA MET A 102 -16.82 1.09 -31.54
C MET A 102 -17.29 -0.31 -31.89
N PRO A 103 -16.39 -1.17 -32.38
CA PRO A 103 -16.79 -2.56 -32.60
C PRO A 103 -17.30 -3.17 -31.30
N LYS A 104 -18.20 -4.14 -31.45
CA LYS A 104 -18.73 -4.84 -30.29
C LYS A 104 -17.60 -5.54 -29.54
N PRO A 105 -17.58 -5.47 -28.21
CA PRO A 105 -16.44 -6.02 -27.48
C PRO A 105 -16.47 -7.53 -27.48
N VAL A 106 -15.29 -8.11 -27.27
CA VAL A 106 -15.13 -9.52 -26.93
C VAL A 106 -14.92 -9.60 -25.42
N PHE A 107 -15.72 -10.40 -24.75
CA PHE A 107 -15.62 -10.50 -23.29
C PHE A 107 -14.65 -11.60 -22.91
N VAL A 108 -13.62 -11.24 -22.15
CA VAL A 108 -12.63 -12.22 -21.75
C VAL A 108 -13.27 -13.19 -20.77
N PRO A 109 -13.30 -14.49 -21.07
CA PRO A 109 -14.07 -15.43 -20.24
C PRO A 109 -13.45 -15.71 -18.87
N ASP A 110 -12.18 -15.40 -18.64
CA ASP A 110 -11.52 -15.72 -17.38
C ASP A 110 -11.27 -14.46 -16.56
N VAL A 111 -11.35 -14.61 -15.23
CA VAL A 111 -10.74 -13.61 -14.35
C VAL A 111 -9.27 -13.48 -14.69
N ALA A 112 -8.80 -12.24 -14.77
CA ALA A 112 -7.45 -11.93 -15.22
C ALA A 112 -6.59 -11.41 -14.08
N LEU A 113 -5.30 -11.75 -14.13
CA LEU A 113 -4.26 -11.04 -13.40
C LEU A 113 -3.30 -10.48 -14.43
N ILE A 114 -3.12 -9.16 -14.41
CA ILE A 114 -2.46 -8.43 -15.47
C ILE A 114 -1.18 -7.85 -14.88
N ALA A 115 -0.06 -8.11 -15.53
CA ALA A 115 1.25 -7.73 -14.98
C ALA A 115 2.27 -7.70 -16.11
N ASN A 116 3.42 -7.07 -15.81
CA ASN A 116 4.57 -7.06 -16.71
C ASN A 116 5.65 -7.98 -16.15
N ARG A 117 6.17 -8.89 -17.00
CA ARG A 117 7.38 -9.61 -16.66
C ARG A 117 8.56 -8.67 -16.89
N PHE A 118 9.48 -8.58 -15.93
CA PHE A 118 10.48 -7.52 -16.10
C PHE A 118 11.56 -7.90 -17.11
N ASN A 119 12.15 -9.10 -16.99
CA ASN A 119 13.22 -9.53 -17.88
C ASN A 119 13.14 -11.04 -17.99
N PRO A 120 12.18 -11.54 -18.77
CA PRO A 120 11.82 -12.98 -18.72
C PRO A 120 12.83 -13.91 -19.40
N ASP A 121 13.92 -13.41 -19.96
CA ASP A 121 14.96 -14.29 -20.47
C ASP A 121 16.08 -14.50 -19.47
N ASN A 122 15.99 -13.88 -18.31
CA ASN A 122 16.99 -14.03 -17.25
C ASN A 122 16.37 -14.81 -16.08
N LEU A 123 16.97 -15.96 -15.74
CA LEU A 123 16.37 -16.85 -14.74
C LEU A 123 16.19 -16.16 -13.40
N MET A 124 17.17 -15.36 -12.99
CA MET A 124 17.05 -14.66 -11.72
C MET A 124 15.91 -13.66 -11.76
N HIS A 125 15.84 -12.86 -12.81
CA HIS A 125 14.74 -11.91 -12.94
C HIS A 125 13.38 -12.64 -12.96
N VAL A 126 13.32 -13.79 -13.64
CA VAL A 126 12.08 -14.55 -13.71
C VAL A 126 11.60 -14.89 -12.31
N PHE A 127 12.48 -15.50 -11.48
CA PHE A 127 12.07 -15.92 -10.15
C PHE A 127 11.79 -14.73 -9.24
N HIS A 128 12.66 -13.71 -9.28
CA HIS A 128 12.60 -12.68 -8.25
C HIS A 128 11.58 -11.61 -8.60
N ASP A 129 11.58 -11.16 -9.86
CA ASP A 129 10.65 -10.11 -10.27
C ASP A 129 9.24 -10.65 -10.54
N ASP A 130 9.10 -11.91 -10.97
CA ASP A 130 7.83 -12.40 -11.51
C ASP A 130 7.24 -13.59 -10.74
N LEU A 131 7.96 -14.71 -10.64
CA LEU A 131 7.31 -15.95 -10.15
C LEU A 131 6.92 -15.83 -8.69
N LEU A 132 7.85 -15.44 -7.83
CA LEU A 132 7.51 -15.27 -6.42
C LEU A 132 6.42 -14.21 -6.26
N PRO A 133 6.50 -13.03 -6.87
CA PRO A 133 5.37 -12.10 -6.72
C PRO A 133 4.06 -12.61 -7.33
N LEU A 134 4.10 -13.29 -8.47
CA LEU A 134 2.88 -13.88 -9.02
C LEU A 134 2.25 -14.84 -8.02
N PHE A 135 3.06 -15.73 -7.45
CA PHE A 135 2.58 -16.76 -6.53
C PHE A 135 1.80 -16.13 -5.39
N TYR A 136 2.37 -15.11 -4.75
CA TYR A 136 1.72 -14.53 -3.60
C TYR A 136 0.69 -13.47 -3.92
N THR A 137 0.79 -12.79 -5.08
CA THR A 137 -0.27 -11.85 -5.47
C THR A 137 -1.57 -12.61 -5.77
N LEU A 138 -1.46 -13.76 -6.44
CA LEU A 138 -2.62 -14.63 -6.62
C LEU A 138 -3.25 -14.96 -5.28
N ARG A 139 -2.43 -15.22 -4.26
CA ARG A 139 -2.93 -15.64 -2.94
C ARG A 139 -3.42 -14.46 -2.10
N GLN A 140 -3.23 -13.24 -2.58
CA GLN A 140 -3.76 -12.06 -1.89
C GLN A 140 -5.29 -11.96 -2.03
N PHE A 141 -5.86 -12.54 -3.08
CA PHE A 141 -7.28 -12.36 -3.40
C PHE A 141 -7.98 -13.71 -3.49
N PRO A 142 -9.11 -13.90 -2.79
CA PRO A 142 -9.78 -15.21 -2.81
C PRO A 142 -10.13 -15.64 -4.23
N GLY A 143 -9.83 -16.91 -4.54
CA GLY A 143 -10.21 -17.54 -5.78
C GLY A 143 -9.30 -17.29 -6.97
N LEU A 144 -8.30 -16.41 -6.85
CA LEU A 144 -7.46 -16.08 -8.00
C LEU A 144 -6.50 -17.20 -8.36
N ALA A 145 -5.89 -17.85 -7.38
CA ALA A 145 -4.90 -18.88 -7.72
C ALA A 145 -5.53 -19.97 -8.56
N ARG A 146 -6.78 -20.32 -8.28
CA ARG A 146 -7.47 -21.35 -9.04
C ARG A 146 -8.09 -20.84 -10.32
N GLU A 147 -8.55 -19.59 -10.35
CA GLU A 147 -9.39 -19.12 -11.45
C GLU A 147 -8.67 -18.19 -12.42
N ALA A 148 -7.57 -17.55 -12.02
CA ALA A 148 -7.01 -16.46 -12.83
C ALA A 148 -6.32 -17.00 -14.07
N ARG A 149 -6.45 -16.27 -15.17
CA ARG A 149 -5.53 -16.40 -16.27
C ARG A 149 -4.57 -15.23 -16.21
N LEU A 150 -3.29 -15.52 -16.43
CA LEU A 150 -2.25 -14.50 -16.41
C LEU A 150 -2.15 -13.83 -17.77
N PHE A 151 -2.10 -12.49 -17.77
CA PHE A 151 -1.90 -11.72 -18.98
C PHE A 151 -0.60 -10.93 -18.80
N PHE A 152 0.41 -11.24 -19.60
CA PHE A 152 1.70 -10.57 -19.52
C PHE A 152 1.74 -9.49 -20.60
N MET A 153 1.83 -8.23 -20.19
CA MET A 153 1.65 -7.10 -21.10
C MET A 153 2.95 -6.42 -21.49
N GLU A 154 4.11 -6.92 -21.05
CA GLU A 154 5.35 -6.17 -21.28
C GLU A 154 5.79 -6.20 -22.74
N GLY A 155 5.26 -7.12 -23.55
CA GLY A 155 5.56 -7.14 -24.98
C GLY A 155 6.65 -8.10 -25.40
N TRP A 156 7.15 -8.93 -24.51
CA TRP A 156 8.13 -9.92 -24.91
C TRP A 156 7.43 -11.20 -25.35
N GLY A 157 8.17 -12.05 -26.05
CA GLY A 157 7.70 -13.37 -26.39
C GLY A 157 7.65 -14.27 -25.16
N GLU A 158 7.40 -15.56 -25.41
CA GLU A 158 7.44 -16.56 -24.34
C GLU A 158 8.75 -16.48 -23.55
N GLY A 159 9.88 -16.43 -24.27
CA GLY A 159 11.18 -16.43 -23.64
C GLY A 159 11.60 -17.82 -23.20
N ALA A 160 12.80 -17.87 -22.60
CA ALA A 160 13.45 -19.15 -22.29
C ALA A 160 12.80 -19.92 -21.15
N HIS A 161 11.98 -19.29 -20.32
CA HIS A 161 11.47 -19.99 -19.14
C HIS A 161 9.95 -19.94 -19.07
N PHE A 162 9.29 -19.91 -20.23
CA PHE A 162 7.84 -19.81 -20.23
C PHE A 162 7.20 -20.99 -19.49
N ASP A 163 7.81 -22.17 -19.53
CA ASP A 163 7.19 -23.28 -18.84
C ASP A 163 7.18 -23.10 -17.33
N LEU A 164 8.09 -22.29 -16.78
CA LEU A 164 8.00 -21.97 -15.35
C LEU A 164 6.80 -21.08 -15.06
N TYR A 165 6.52 -20.10 -15.92
CA TYR A 165 5.31 -19.28 -15.75
C TYR A 165 4.05 -20.13 -15.83
N LYS A 166 4.05 -21.17 -16.67
CA LYS A 166 2.89 -22.03 -16.76
C LYS A 166 2.63 -22.83 -15.48
N LEU A 167 3.64 -23.00 -14.63
CA LEU A 167 3.43 -23.78 -13.41
C LEU A 167 2.61 -23.02 -12.39
N LEU A 168 2.59 -21.70 -12.46
CA LEU A 168 1.92 -20.85 -11.48
C LEU A 168 0.41 -20.79 -11.67
N SER A 169 -0.13 -21.50 -12.66
CA SER A 169 -1.53 -21.30 -13.01
C SER A 169 -2.05 -22.54 -13.72
N PRO A 170 -3.30 -22.93 -13.50
CA PRO A 170 -3.85 -24.05 -14.30
C PRO A 170 -4.20 -23.62 -15.73
N LYS A 171 -4.34 -22.33 -15.99
CA LYS A 171 -4.64 -21.86 -17.34
C LYS A 171 -3.38 -21.38 -18.06
N GLN A 172 -3.42 -21.42 -19.38
CA GLN A 172 -2.27 -20.97 -20.16
C GLN A 172 -2.17 -19.45 -20.10
N PRO A 173 -1.04 -18.89 -19.67
CA PRO A 173 -0.89 -17.42 -19.73
C PRO A 173 -1.00 -16.93 -21.16
N LEU A 174 -1.51 -15.70 -21.30
CA LEU A 174 -1.58 -15.04 -22.61
C LEU A 174 -0.62 -13.87 -22.65
N LEU A 175 -0.04 -13.62 -23.83
CA LEU A 175 0.86 -12.51 -24.03
C LEU A 175 0.14 -11.38 -24.76
N ARG A 176 0.66 -10.16 -24.61
CA ARG A 176 0.06 -9.00 -25.27
C ARG A 176 -0.19 -9.26 -26.76
N ALA A 177 0.80 -9.84 -27.45
CA ALA A 177 0.68 -10.07 -28.89
C ALA A 177 -0.52 -10.96 -29.21
N GLN A 178 -0.87 -11.88 -28.32
CA GLN A 178 -2.00 -12.75 -28.58
C GLN A 178 -3.34 -12.04 -28.36
N LEU A 179 -3.33 -10.81 -27.85
CA LEU A 179 -4.60 -10.15 -27.54
C LEU A 179 -5.28 -9.63 -28.80
N LYS A 180 -4.53 -9.06 -29.74
CA LYS A 180 -5.15 -8.62 -30.98
C LYS A 180 -5.81 -9.78 -31.71
N ALA A 181 -5.36 -11.01 -31.46
CA ALA A 181 -6.01 -12.15 -32.08
C ALA A 181 -7.42 -12.34 -31.53
N LEU A 182 -7.63 -12.02 -30.25
CA LEU A 182 -8.95 -12.25 -29.66
C LEU A 182 -9.99 -11.26 -30.18
N GLY A 183 -9.57 -10.08 -30.63
CA GLY A 183 -10.53 -9.08 -31.06
C GLY A 183 -9.99 -7.68 -30.91
N ARG A 184 -10.71 -6.75 -31.53
CA ARG A 184 -10.29 -5.34 -31.54
C ARG A 184 -10.54 -4.66 -30.21
N LEU A 185 -11.66 -4.95 -29.57
CA LEU A 185 -11.99 -4.38 -28.26
C LEU A 185 -12.29 -5.53 -27.31
N LEU A 186 -11.46 -5.66 -26.28
CA LEU A 186 -11.61 -6.71 -25.28
C LEU A 186 -12.06 -6.10 -23.97
N CYS A 187 -13.01 -6.76 -23.31
CA CYS A 187 -13.49 -6.30 -22.03
C CYS A 187 -13.38 -7.42 -21.01
N PHE A 188 -12.74 -7.12 -19.87
CA PHE A 188 -12.60 -8.05 -18.75
C PHE A 188 -13.73 -7.76 -17.76
N SER A 189 -14.64 -8.71 -17.55
CA SER A 189 -15.63 -8.51 -16.49
C SER A 189 -14.96 -8.44 -15.11
N HIS A 190 -13.81 -9.08 -14.94
CA HIS A 190 -13.12 -9.12 -13.64
C HIS A 190 -11.63 -9.19 -13.90
N ALA A 191 -10.88 -8.20 -13.38
CA ALA A 191 -9.45 -8.19 -13.64
C ALA A 191 -8.71 -7.56 -12.48
N PHE A 192 -7.57 -8.15 -12.13
CA PHE A 192 -6.68 -7.61 -11.13
C PHE A 192 -5.40 -7.19 -11.83
N VAL A 193 -4.82 -6.09 -11.39
CA VAL A 193 -3.71 -5.48 -12.09
C VAL A 193 -2.64 -5.15 -11.07
N GLY A 194 -1.41 -5.53 -11.35
CA GLY A 194 -0.26 -5.24 -10.53
C GLY A 194 0.26 -6.48 -9.83
N LEU A 195 1.45 -6.34 -9.25
CA LEU A 195 2.09 -7.40 -8.51
C LEU A 195 2.62 -6.84 -7.19
N SER A 196 2.44 -7.61 -6.13
CA SER A 196 2.98 -7.19 -4.84
C SER A 196 4.50 -7.23 -4.90
N LYS A 197 5.14 -6.27 -4.23
CA LYS A 197 6.58 -6.27 -4.05
C LYS A 197 7.02 -6.95 -2.76
N VAL A 198 6.09 -7.61 -2.04
CA VAL A 198 6.42 -8.03 -0.69
C VAL A 198 7.53 -9.07 -0.67
N THR A 199 7.71 -9.84 -1.76
CA THR A 199 8.75 -10.86 -1.76
C THR A 199 10.08 -10.38 -2.33
N THR A 200 10.18 -9.16 -2.84
CA THR A 200 11.47 -8.79 -3.45
C THR A 200 12.52 -8.50 -2.38
N TRP A 201 13.79 -8.71 -2.75
CA TRP A 201 14.90 -8.44 -1.84
C TRP A 201 16.06 -7.68 -2.46
N TYR A 202 16.00 -7.40 -3.78
CA TYR A 202 17.12 -6.77 -4.48
C TYR A 202 16.59 -5.69 -5.40
N GLN A 203 17.38 -4.64 -5.59
CA GLN A 203 17.06 -3.61 -6.58
C GLN A 203 18.24 -3.44 -7.53
N TYR A 204 17.96 -3.19 -8.80
CA TYR A 204 18.95 -3.42 -9.84
C TYR A 204 19.76 -2.19 -10.21
N GLY A 205 19.67 -1.11 -9.44
CA GLY A 205 20.57 0.02 -9.64
C GLY A 205 20.07 1.12 -10.55
N PHE A 206 18.76 1.39 -10.57
CA PHE A 206 18.26 2.40 -11.48
C PHE A 206 18.40 3.83 -10.96
N VAL A 207 18.43 4.02 -9.64
CA VAL A 207 18.60 5.33 -9.03
C VAL A 207 19.94 5.45 -8.31
N GLN A 208 20.30 4.44 -7.52
CA GLN A 208 21.59 4.33 -6.88
C GLN A 208 22.15 2.94 -7.21
N PRO A 209 23.45 2.69 -7.01
CA PRO A 209 24.01 1.36 -7.33
C PRO A 209 23.18 0.21 -6.79
N GLN A 210 23.07 -0.85 -7.60
CA GLN A 210 22.32 -2.05 -7.23
C GLN A 210 22.76 -2.57 -5.86
N GLY A 211 21.83 -3.19 -5.15
CA GLY A 211 22.10 -3.76 -3.86
C GLY A 211 20.83 -4.28 -3.22
N PRO A 212 20.93 -4.70 -1.96
CA PRO A 212 19.76 -5.25 -1.27
C PRO A 212 18.67 -4.19 -1.13
N LYS A 213 17.41 -4.61 -1.22
CA LYS A 213 16.32 -3.67 -0.96
C LYS A 213 16.41 -3.14 0.47
N ALA A 214 15.98 -1.88 0.64
CA ALA A 214 16.18 -1.16 1.89
C ALA A 214 15.45 -1.81 3.07
N ASN A 215 14.20 -2.21 2.87
CA ASN A 215 13.39 -2.81 3.91
CA ASN A 215 13.39 -2.81 3.92
C ASN A 215 12.80 -4.10 3.36
N ILE A 216 13.48 -5.23 3.60
CA ILE A 216 13.04 -6.51 3.05
C ILE A 216 11.91 -7.04 3.92
N LEU A 217 10.81 -7.46 3.29
CA LEU A 217 9.59 -7.90 3.99
C LEU A 217 9.31 -9.39 3.83
N VAL A 218 10.28 -10.15 3.35
CA VAL A 218 10.10 -11.57 3.08
C VAL A 218 11.17 -12.32 3.88
N SER A 219 10.82 -13.52 4.35
CA SER A 219 11.78 -14.37 5.03
C SER A 219 11.99 -15.66 4.24
N GLY A 220 13.02 -16.41 4.64
CA GLY A 220 13.29 -17.67 3.96
C GLY A 220 12.11 -18.63 4.00
N ASN A 221 11.27 -18.54 5.03
CA ASN A 221 10.09 -19.40 5.10
C ASN A 221 9.14 -19.19 3.91
N GLU A 222 8.92 -17.93 3.52
CA GLU A 222 7.98 -17.71 2.41
C GLU A 222 8.64 -18.06 1.08
N ILE A 223 9.97 -17.92 1.00
CA ILE A 223 10.70 -18.42 -0.16
C ILE A 223 10.55 -19.93 -0.27
N ARG A 224 10.72 -20.64 0.85
CA ARG A 224 10.73 -22.11 0.81
C ARG A 224 9.33 -22.69 0.60
N GLN A 225 8.28 -22.01 1.07
CA GLN A 225 6.92 -22.49 0.78
C GLN A 225 6.64 -22.41 -0.72
N PHE A 226 7.09 -21.34 -1.36
CA PHE A 226 6.98 -21.23 -2.82
C PHE A 226 7.81 -22.30 -3.53
N ALA A 227 9.07 -22.48 -3.09
CA ALA A 227 9.91 -23.53 -3.66
C ALA A 227 9.26 -24.91 -3.51
N HIS A 228 8.63 -25.17 -2.36
CA HIS A 228 7.98 -26.46 -2.16
C HIS A 228 6.83 -26.63 -3.15
N PHE A 229 6.06 -25.57 -3.38
CA PHE A 229 5.00 -25.59 -4.37
C PHE A 229 5.57 -25.91 -5.76
N LEU A 230 6.63 -25.21 -6.16
CA LEU A 230 7.20 -25.43 -7.49
C LEU A 230 7.82 -26.82 -7.62
N MET A 231 8.42 -27.34 -6.55
CA MET A 231 8.96 -28.69 -6.61
C MET A 231 7.85 -29.72 -6.84
N GLU A 232 6.68 -29.54 -6.20
CA GLU A 232 5.58 -30.45 -6.47
C GLU A 232 5.14 -30.32 -7.92
N LYS A 233 5.09 -29.09 -8.45
CA LYS A 233 4.65 -28.90 -9.83
C LYS A 233 5.63 -29.52 -10.82
N LEU A 234 6.91 -29.57 -10.47
CA LEU A 234 7.96 -30.16 -11.29
C LEU A 234 8.13 -31.66 -11.08
N ASN A 235 7.28 -32.28 -10.25
CA ASN A 235 7.39 -33.71 -9.94
C ASN A 235 8.76 -34.05 -9.35
N VAL A 236 9.24 -33.18 -8.46
CA VAL A 236 10.51 -33.35 -7.75
C VAL A 236 10.19 -33.62 -6.29
N SER A 237 10.57 -34.79 -5.78
CA SER A 237 10.31 -35.16 -4.39
C SER A 237 11.14 -34.33 -3.40
N GLU A 245 26.94 -40.37 -0.81
CA GLU A 245 25.59 -40.00 -1.23
C GLU A 245 25.41 -38.48 -1.21
N GLU A 246 25.88 -37.83 -0.15
CA GLU A 246 25.92 -36.38 -0.13
C GLU A 246 26.92 -35.87 -1.17
N TYR A 247 26.63 -34.69 -1.73
CA TYR A 247 27.45 -34.20 -2.83
C TYR A 247 27.54 -32.69 -2.79
N ILE A 248 28.62 -32.20 -3.43
CA ILE A 248 28.83 -30.78 -3.76
C ILE A 248 28.43 -30.60 -5.22
N LEU A 249 27.73 -29.51 -5.52
CA LEU A 249 27.22 -29.25 -6.86
C LEU A 249 27.89 -28.00 -7.40
N VAL A 250 28.53 -28.12 -8.57
CA VAL A 250 29.14 -26.98 -9.24
C VAL A 250 28.23 -26.60 -10.38
N PHE A 251 27.68 -25.38 -10.33
CA PHE A 251 26.73 -24.89 -11.33
C PHE A 251 27.50 -24.18 -12.43
N SER A 252 27.71 -24.88 -13.53
CA SER A 252 28.55 -24.43 -14.63
C SER A 252 27.75 -23.54 -15.61
N ARG A 253 28.49 -22.72 -16.36
CA ARG A 253 28.00 -22.01 -17.54
C ARG A 253 28.81 -22.47 -18.74
N THR A 254 28.14 -22.69 -19.87
CA THR A 254 28.84 -23.18 -21.05
C THR A 254 29.08 -22.13 -22.13
N GLN A 255 28.46 -20.96 -22.06
CA GLN A 255 28.53 -19.96 -23.14
C GLN A 255 29.49 -18.82 -22.83
N ASN A 256 29.46 -18.29 -21.61
CA ASN A 256 30.35 -17.20 -21.22
C ASN A 256 30.47 -17.21 -19.70
N ARG A 257 31.36 -16.33 -19.20
CA ARG A 257 31.69 -16.26 -17.77
C ARG A 257 32.06 -17.66 -17.24
N LEU A 258 33.04 -18.27 -17.90
CA LEU A 258 33.44 -19.64 -17.65
C LEU A 258 34.34 -19.78 -16.44
N ILE A 259 34.27 -20.95 -15.82
CA ILE A 259 35.33 -21.45 -14.94
C ILE A 259 36.29 -22.22 -15.84
N LEU A 260 37.52 -21.71 -15.99
CA LEU A 260 38.45 -22.29 -16.94
C LEU A 260 39.12 -23.57 -16.46
N ASN A 261 39.13 -23.84 -15.15
CA ASN A 261 39.73 -25.06 -14.64
C ASN A 261 38.69 -25.89 -13.88
N GLU A 262 37.54 -26.11 -14.52
CA GLU A 262 36.45 -26.81 -13.84
C GLU A 262 36.89 -28.21 -13.37
N ALA A 263 37.66 -28.91 -14.21
CA ALA A 263 38.10 -30.25 -13.84
C ALA A 263 38.98 -30.22 -12.59
N GLU A 264 39.92 -29.29 -12.54
CA GLU A 264 40.74 -29.16 -11.34
C GLU A 264 39.88 -28.81 -10.13
N LEU A 265 38.85 -27.98 -10.33
CA LEU A 265 38.00 -27.56 -9.22
C LEU A 265 37.21 -28.72 -8.63
N LEU A 266 36.58 -29.54 -9.47
CA LEU A 266 35.81 -30.69 -9.00
C LEU A 266 36.66 -31.62 -8.14
N LEU A 267 37.83 -32.03 -8.64
CA LEU A 267 38.66 -32.95 -7.89
C LEU A 267 39.11 -32.33 -6.56
N ALA A 268 39.53 -31.06 -6.60
CA ALA A 268 40.00 -30.42 -5.38
C ALA A 268 38.90 -30.31 -4.33
N LEU A 269 37.69 -29.92 -4.73
CA LEU A 269 36.58 -29.85 -3.78
C LEU A 269 36.27 -31.22 -3.19
N ALA A 270 36.31 -32.27 -4.03
CA ALA A 270 36.05 -33.61 -3.54
C ALA A 270 37.09 -34.05 -2.52
N GLN A 271 38.35 -33.72 -2.77
CA GLN A 271 39.40 -34.15 -1.85
C GLN A 271 39.37 -33.34 -0.56
N GLU A 272 39.04 -32.05 -0.65
CA GLU A 272 39.05 -31.21 0.54
C GLU A 272 37.87 -31.54 1.46
N PHE A 273 36.69 -31.79 0.89
CA PHE A 273 35.50 -31.98 1.70
C PHE A 273 35.06 -33.44 1.83
N GLN A 274 35.77 -34.37 1.20
CA GLN A 274 35.48 -35.81 1.29
C GLN A 274 34.07 -36.15 0.80
N MET A 275 33.68 -35.55 -0.33
CA MET A 275 32.33 -35.69 -0.86
C MET A 275 32.37 -35.81 -2.38
N LYS A 276 31.43 -36.58 -2.91
CA LYS A 276 31.14 -36.55 -4.34
C LYS A 276 30.91 -35.10 -4.80
N THR A 277 31.50 -34.76 -5.94
CA THR A 277 31.28 -33.46 -6.56
C THR A 277 30.76 -33.67 -7.97
N VAL A 278 29.68 -32.96 -8.31
CA VAL A 278 28.91 -33.13 -9.55
C VAL A 278 28.76 -31.77 -10.22
N THR A 279 28.60 -31.78 -11.55
CA THR A 279 28.37 -30.59 -12.33
C THR A 279 26.92 -30.53 -12.80
N VAL A 280 26.43 -29.31 -13.04
CA VAL A 280 25.12 -29.10 -13.62
C VAL A 280 25.15 -27.78 -14.35
N SER A 281 24.32 -27.67 -15.39
CA SER A 281 24.14 -26.40 -16.10
C SER A 281 22.68 -26.26 -16.49
N LEU A 282 22.26 -25.02 -16.75
CA LEU A 282 20.91 -24.80 -17.27
C LEU A 282 20.78 -25.33 -18.68
N GLU A 283 21.83 -25.12 -19.50
CA GLU A 283 21.75 -25.35 -20.94
C GLU A 283 21.44 -26.79 -21.28
N ASP A 284 21.71 -27.71 -20.37
CA ASP A 284 21.78 -29.09 -20.82
C ASP A 284 21.16 -30.06 -19.82
N HIS A 285 20.27 -29.58 -18.95
CA HIS A 285 19.38 -30.39 -18.14
C HIS A 285 17.97 -29.84 -18.24
N ALA A 286 16.98 -30.72 -18.22
CA ALA A 286 15.63 -30.27 -17.92
C ALA A 286 15.64 -29.53 -16.58
N PHE A 287 14.77 -28.55 -16.45
CA PHE A 287 14.79 -27.75 -15.24
C PHE A 287 14.37 -28.55 -14.00
N ALA A 288 13.44 -29.50 -14.16
CA ALA A 288 13.10 -30.39 -13.05
C ALA A 288 14.32 -31.16 -12.56
N ASP A 289 15.19 -31.58 -13.48
CA ASP A 289 16.42 -32.25 -13.10
C ASP A 289 17.39 -31.29 -12.39
N VAL A 290 17.49 -30.05 -12.87
CA VAL A 290 18.30 -29.06 -12.15
C VAL A 290 17.80 -28.90 -10.72
N VAL A 291 16.48 -28.80 -10.55
CA VAL A 291 15.92 -28.59 -9.22
C VAL A 291 16.12 -29.84 -8.35
N ARG A 292 15.95 -31.02 -8.94
CA ARG A 292 16.29 -32.26 -8.23
C ARG A 292 17.71 -32.20 -7.68
N LEU A 293 18.68 -31.84 -8.52
CA LEU A 293 20.08 -31.83 -8.07
C LEU A 293 20.32 -30.79 -6.99
N VAL A 294 19.82 -29.56 -7.19
CA VAL A 294 20.06 -28.50 -6.21
C VAL A 294 19.42 -28.84 -4.87
N SER A 295 18.20 -29.41 -4.89
CA SER A 295 17.43 -29.58 -3.66
C SER A 295 18.00 -30.63 -2.70
N ASN A 296 18.94 -31.46 -3.16
CA ASN A 296 19.60 -32.43 -2.30
C ASN A 296 21.09 -32.12 -2.10
N ALA A 297 21.58 -31.00 -2.63
CA ALA A 297 23.00 -30.69 -2.59
C ALA A 297 23.41 -30.11 -1.24
N SER A 298 24.58 -30.50 -0.76
CA SER A 298 25.11 -29.92 0.47
C SER A 298 25.85 -28.61 0.24
N MET A 299 26.26 -28.30 -0.99
CA MET A 299 26.99 -27.08 -1.28
C MET A 299 26.83 -26.77 -2.76
N LEU A 300 26.68 -25.49 -3.06
CA LEU A 300 26.43 -24.99 -4.40
C LEU A 300 27.53 -24.00 -4.77
N VAL A 301 28.33 -24.34 -5.77
CA VAL A 301 29.46 -23.52 -6.21
C VAL A 301 29.16 -22.98 -7.59
N SER A 302 29.30 -21.66 -7.76
CA SER A 302 28.91 -21.08 -9.04
C SER A 302 29.51 -19.69 -9.19
N MET A 303 29.84 -19.36 -10.44
CA MET A 303 30.09 -17.96 -10.79
C MET A 303 28.85 -17.15 -10.51
N HIS A 304 29.07 -15.88 -10.12
CA HIS A 304 27.99 -14.91 -10.06
C HIS A 304 27.17 -14.94 -11.35
N GLY A 305 25.85 -15.07 -11.24
CA GLY A 305 25.05 -15.25 -12.44
C GLY A 305 23.70 -15.84 -12.10
N ALA A 306 22.83 -15.83 -13.12
CA ALA A 306 21.40 -16.05 -12.87
C ALA A 306 21.12 -17.45 -12.36
N GLN A 307 21.92 -18.43 -12.78
CA GLN A 307 21.75 -19.80 -12.31
C GLN A 307 21.80 -19.88 -10.80
N LEU A 308 22.42 -18.92 -10.13
CA LEU A 308 22.52 -18.97 -8.67
C LEU A 308 21.20 -18.71 -7.97
N VAL A 309 20.19 -18.22 -8.70
CA VAL A 309 18.89 -18.02 -8.06
C VAL A 309 18.29 -19.35 -7.63
N THR A 310 18.72 -20.46 -8.26
CA THR A 310 18.29 -21.80 -7.81
C THR A 310 18.80 -22.13 -6.41
N ALA A 311 19.65 -21.29 -5.81
CA ALA A 311 19.98 -21.47 -4.40
C ALA A 311 18.73 -21.51 -3.52
N LEU A 312 17.62 -20.89 -3.94
CA LEU A 312 16.43 -20.93 -3.11
C LEU A 312 15.86 -22.34 -2.96
N PHE A 313 16.33 -23.31 -3.76
CA PHE A 313 15.90 -24.70 -3.62
C PHE A 313 16.82 -25.52 -2.72
N LEU A 314 17.95 -24.96 -2.30
CA LEU A 314 18.90 -25.72 -1.50
C LEU A 314 18.28 -26.09 -0.14
N PRO A 315 18.64 -27.24 0.42
CA PRO A 315 18.11 -27.60 1.74
C PRO A 315 18.70 -26.70 2.82
N ARG A 316 17.98 -26.57 3.93
CA ARG A 316 18.44 -25.68 5.00
C ARG A 316 19.79 -26.15 5.51
N GLY A 317 20.70 -25.20 5.73
CA GLY A 317 22.03 -25.53 6.20
C GLY A 317 23.05 -25.80 5.12
N ALA A 318 22.67 -25.77 3.85
CA ALA A 318 23.65 -25.90 2.78
C ALA A 318 24.45 -24.61 2.63
N ALA A 319 25.56 -24.70 1.91
CA ALA A 319 26.44 -23.56 1.67
C ALA A 319 26.34 -23.11 0.22
N VAL A 320 26.29 -21.79 0.02
CA VAL A 320 26.41 -21.17 -1.28
C VAL A 320 27.83 -20.61 -1.37
N VAL A 321 28.57 -21.02 -2.40
CA VAL A 321 29.91 -20.49 -2.69
C VAL A 321 29.82 -19.76 -4.02
N GLU A 322 29.96 -18.44 -3.99
CA GLU A 322 29.77 -17.60 -5.16
C GLU A 322 31.12 -17.01 -5.57
N LEU A 323 31.50 -17.21 -6.84
CA LEU A 323 32.80 -16.79 -7.36
C LEU A 323 32.63 -15.54 -8.21
N PHE A 324 33.56 -14.60 -8.04
CA PHE A 324 33.51 -13.35 -8.77
C PHE A 324 34.76 -13.17 -9.61
N PRO A 325 34.65 -12.67 -10.83
CA PRO A 325 35.83 -12.48 -11.69
C PRO A 325 36.71 -11.32 -11.25
N TYR A 326 37.85 -11.17 -11.93
CA TYR A 326 38.82 -10.14 -11.58
C TYR A 326 38.17 -8.76 -11.65
N ALA A 327 38.45 -7.93 -10.63
CA ALA A 327 38.01 -6.53 -10.50
C ALA A 327 36.54 -6.37 -10.15
N VAL A 328 35.83 -7.45 -9.82
CA VAL A 328 34.44 -7.37 -9.41
C VAL A 328 34.41 -7.60 -7.90
N ASN A 329 34.08 -6.55 -7.16
CA ASN A 329 34.03 -6.64 -5.70
C ASN A 329 32.76 -7.37 -5.28
N PRO A 330 32.86 -8.52 -4.60
CA PRO A 330 31.64 -9.24 -4.18
C PRO A 330 30.65 -8.38 -3.40
N ASP A 331 31.11 -7.40 -2.62
CA ASP A 331 30.20 -6.60 -1.80
C ASP A 331 29.33 -5.66 -2.63
N HIS A 332 29.63 -5.46 -3.90
CA HIS A 332 28.83 -4.55 -4.70
C HIS A 332 27.75 -5.25 -5.50
N TYR A 333 27.71 -6.60 -5.47
CA TYR A 333 26.84 -7.41 -6.34
C TYR A 333 26.29 -8.55 -5.48
N THR A 334 25.26 -8.22 -4.70
CA THR A 334 24.84 -9.10 -3.62
C THR A 334 23.44 -9.71 -3.76
N PRO A 335 22.91 -9.95 -4.97
CA PRO A 335 21.55 -10.55 -5.01
C PRO A 335 21.53 -11.95 -4.40
N TYR A 336 22.57 -12.76 -4.60
CA TYR A 336 22.60 -14.11 -4.05
C TYR A 336 23.12 -14.15 -2.62
N LYS A 337 24.04 -13.24 -2.26
CA LYS A 337 24.36 -13.09 -0.85
C LYS A 337 23.11 -12.71 -0.05
N THR A 338 22.29 -11.79 -0.57
CA THR A 338 21.10 -11.35 0.16
C THR A 338 20.08 -12.47 0.31
N LEU A 339 19.88 -13.24 -0.76
CA LEU A 339 18.98 -14.39 -0.70
C LEU A 339 19.45 -15.41 0.32
N ALA A 340 20.74 -15.76 0.27
CA ALA A 340 21.26 -16.84 1.12
C ALA A 340 21.23 -16.48 2.58
N THR A 341 21.47 -15.19 2.91
CA THR A 341 21.55 -14.77 4.32
C THR A 341 20.23 -14.26 4.86
N LEU A 342 19.18 -14.28 4.05
CA LEU A 342 17.87 -13.84 4.50
C LEU A 342 17.47 -14.62 5.75
N PRO A 343 16.87 -13.97 6.75
CA PRO A 343 16.39 -14.71 7.93
C PRO A 343 15.46 -15.83 7.50
N GLY A 344 15.60 -16.97 8.15
CA GLY A 344 14.83 -18.14 7.78
C GLY A 344 15.33 -18.91 6.57
N MET A 345 16.25 -18.37 5.78
CA MET A 345 16.75 -19.15 4.66
C MET A 345 17.72 -20.23 5.13
N ASP A 346 18.57 -19.90 6.10
CA ASP A 346 19.45 -20.86 6.79
C ASP A 346 20.48 -21.47 5.83
N LEU A 347 21.07 -20.63 4.99
CA LEU A 347 22.12 -21.05 4.09
C LEU A 347 23.40 -20.32 4.49
N GLN A 348 24.52 -21.03 4.49
CA GLN A 348 25.78 -20.34 4.67
C GLN A 348 26.17 -19.68 3.35
N TYR A 349 26.89 -18.57 3.43
CA TYR A 349 27.27 -17.84 2.23
C TYR A 349 28.74 -17.52 2.28
N ILE A 350 29.42 -17.79 1.17
CA ILE A 350 30.86 -17.58 1.01
C ILE A 350 31.06 -16.92 -0.35
N ALA A 351 31.78 -15.80 -0.38
CA ALA A 351 32.11 -15.10 -1.62
C ALA A 351 33.60 -15.20 -1.86
N TRP A 352 33.99 -15.52 -3.09
CA TRP A 352 35.40 -15.55 -3.48
C TRP A 352 35.61 -14.71 -4.72
N GLN A 353 36.70 -13.96 -4.76
CA GLN A 353 36.99 -13.00 -5.82
C GLN A 353 38.36 -13.26 -6.39
N ASN A 354 38.43 -13.42 -7.72
CA ASN A 354 39.72 -13.53 -8.40
C ASN A 354 40.47 -12.21 -8.28
N THR A 355 41.62 -12.24 -7.62
CA THR A 355 42.46 -11.05 -7.50
C THR A 355 43.76 -11.18 -8.28
N MET A 356 43.88 -12.20 -9.13
CA MET A 356 45.12 -12.43 -9.87
C MET A 356 44.90 -12.17 -11.35
N PRO A 357 45.48 -11.10 -11.90
CA PRO A 357 45.19 -10.76 -13.30
C PRO A 357 45.60 -11.83 -14.29
N GLU A 358 46.58 -12.67 -13.96
CA GLU A 358 47.01 -13.72 -14.88
C GLU A 358 46.00 -14.86 -14.97
N ASN A 359 45.00 -14.90 -14.10
CA ASN A 359 43.98 -15.95 -14.07
C ASN A 359 42.65 -15.50 -14.66
N THR A 360 42.61 -14.31 -15.27
CA THR A 360 41.40 -13.81 -15.91
C THR A 360 41.63 -13.77 -17.41
N VAL A 361 40.56 -14.00 -18.18
CA VAL A 361 40.59 -13.88 -19.63
C VAL A 361 39.55 -12.84 -20.06
N THR A 362 40.02 -11.87 -20.80
CA THR A 362 39.27 -10.71 -21.25
C THR A 362 38.76 -10.93 -22.67
N HIS A 363 37.60 -10.36 -23.00
CA HIS A 363 37.03 -10.49 -24.34
C HIS A 363 36.62 -9.12 -24.87
N PRO A 364 37.61 -8.29 -25.22
CA PRO A 364 37.31 -6.88 -25.56
C PRO A 364 36.68 -6.68 -26.93
N GLU A 365 36.69 -7.70 -27.80
CA GLU A 365 36.17 -7.54 -29.15
C GLU A 365 34.73 -8.02 -29.30
N ARG A 366 34.12 -8.56 -28.25
CA ARG A 366 32.72 -8.98 -28.32
C ARG A 366 31.80 -7.77 -28.46
N PRO A 367 30.55 -7.99 -28.88
CA PRO A 367 29.59 -6.87 -28.88
C PRO A 367 29.40 -6.32 -27.46
N TRP A 368 28.88 -5.08 -27.40
CA TRP A 368 28.72 -4.43 -26.10
C TRP A 368 27.89 -5.28 -25.14
N ASP A 369 26.89 -5.99 -25.66
CA ASP A 369 26.03 -6.86 -24.85
C ASP A 369 26.82 -7.91 -24.11
N GLN A 370 27.98 -8.31 -24.64
CA GLN A 370 28.77 -9.39 -24.08
C GLN A 370 30.04 -8.89 -23.41
N GLY A 371 30.11 -7.60 -23.11
CA GLY A 371 31.25 -7.05 -22.40
C GLY A 371 32.39 -6.55 -23.27
N GLY A 372 32.25 -6.54 -24.58
CA GLY A 372 33.29 -5.96 -25.42
C GLY A 372 33.43 -4.46 -25.20
N ILE A 373 34.62 -3.94 -25.52
CA ILE A 373 34.91 -2.51 -25.33
C ILE A 373 35.56 -1.92 -26.58
N ALA A 374 35.60 -2.69 -27.66
CA ALA A 374 36.25 -2.20 -28.88
C ALA A 374 35.52 -1.02 -29.49
N HIS A 375 34.24 -0.84 -29.18
CA HIS A 375 33.46 0.29 -29.68
C HIS A 375 33.73 1.61 -28.94
N LEU A 376 34.45 1.58 -27.83
CA LEU A 376 34.72 2.79 -27.05
C LEU A 376 35.98 3.49 -27.55
N ASP A 377 36.17 4.74 -27.09
CA ASP A 377 37.40 5.47 -27.36
C ASP A 377 38.61 4.67 -26.93
N ARG A 378 39.73 4.88 -27.63
CA ARG A 378 40.98 4.28 -27.18
C ARG A 378 41.31 4.70 -25.76
N ALA A 379 40.97 5.94 -25.39
CA ALA A 379 41.24 6.42 -24.04
C ALA A 379 40.44 5.65 -23.01
N GLU A 380 39.13 5.53 -23.20
CA GLU A 380 38.32 4.82 -22.21
C GLU A 380 38.66 3.33 -22.18
N GLN A 381 38.96 2.72 -23.32
CA GLN A 381 39.48 1.36 -23.31
C GLN A 381 40.71 1.24 -22.42
N ALA A 382 41.65 2.19 -22.54
CA ALA A 382 42.87 2.12 -21.74
C ALA A 382 42.58 2.29 -20.25
N ARG A 383 41.66 3.19 -19.90
CA ARG A 383 41.31 3.37 -18.49
C ARG A 383 40.64 2.14 -17.93
N ILE A 384 39.78 1.49 -18.72
CA ILE A 384 39.11 0.28 -18.26
C ILE A 384 40.12 -0.83 -18.00
N LEU A 385 41.11 -0.97 -18.88
CA LEU A 385 42.07 -2.07 -18.79
C LEU A 385 43.03 -1.86 -17.62
N GLN A 386 43.42 -0.62 -17.33
CA GLN A 386 44.25 -0.33 -16.15
C GLN A 386 43.47 -0.34 -14.84
N SER A 387 42.13 -0.41 -14.90
CA SER A 387 41.30 -0.37 -13.72
C SER A 387 41.30 -1.70 -12.96
N ARG A 388 41.60 -1.66 -11.67
CA ARG A 388 41.64 -2.86 -10.86
C ARG A 388 40.33 -3.18 -10.14
N GLU A 389 39.31 -2.33 -10.25
CA GLU A 389 38.03 -2.62 -9.62
C GLU A 389 36.94 -1.82 -10.34
N VAL A 390 35.85 -2.48 -10.69
CA VAL A 390 34.76 -1.80 -11.37
C VAL A 390 34.24 -0.68 -10.47
N PRO A 391 34.25 0.58 -10.92
CA PRO A 391 33.63 1.64 -10.12
C PRO A 391 32.14 1.38 -9.92
N ARG A 392 31.61 1.95 -8.84
CA ARG A 392 30.16 1.95 -8.63
C ARG A 392 29.47 2.56 -9.83
N HIS A 393 28.30 2.04 -10.17
CA HIS A 393 27.63 2.45 -11.40
C HIS A 393 26.15 2.16 -11.30
N LEU A 394 25.37 2.79 -12.19
CA LEU A 394 23.95 2.58 -12.33
C LEU A 394 23.65 1.55 -13.42
N CYS A 395 22.45 0.98 -13.32
CA CYS A 395 21.91 0.14 -14.40
C CYS A 395 21.83 0.94 -15.70
N CYS A 396 22.13 0.31 -16.86
CA CYS A 396 22.30 -1.15 -17.02
C CYS A 396 23.42 -1.57 -17.98
N ARG A 397 24.08 -0.62 -18.63
CA ARG A 397 25.02 -0.97 -19.68
C ARG A 397 26.37 -0.35 -19.42
N ASN A 398 26.75 -0.24 -18.16
CA ASN A 398 28.05 0.32 -17.83
C ASN A 398 29.13 -0.54 -18.50
N PRO A 399 29.94 0.03 -19.39
CA PRO A 399 30.93 -0.78 -20.14
C PRO A 399 31.96 -1.47 -19.27
N GLU A 400 32.48 -0.82 -18.23
CA GLU A 400 33.51 -1.48 -17.43
C GLU A 400 32.93 -2.66 -16.66
N TRP A 401 31.70 -2.52 -16.16
CA TRP A 401 31.02 -3.63 -15.48
C TRP A 401 30.85 -4.82 -16.43
N LEU A 402 30.31 -4.59 -17.62
CA LEU A 402 30.05 -5.70 -18.54
C LEU A 402 31.35 -6.35 -19.02
N PHE A 403 32.39 -5.54 -19.22
CA PHE A 403 33.70 -6.06 -19.59
C PHE A 403 34.24 -7.02 -18.52
N ARG A 404 34.14 -6.64 -17.25
CA ARG A 404 34.69 -7.49 -16.20
C ARG A 404 33.78 -8.68 -15.88
N ILE A 405 32.46 -8.48 -15.85
CA ILE A 405 31.58 -9.58 -15.48
C ILE A 405 31.57 -10.69 -16.54
N TYR A 406 31.93 -10.40 -17.79
CA TYR A 406 31.96 -11.45 -18.81
C TYR A 406 33.37 -12.00 -19.05
N GLN A 407 34.31 -11.72 -18.15
CA GLN A 407 35.58 -12.44 -18.16
C GLN A 407 35.37 -13.92 -17.89
N ASP A 408 36.32 -14.72 -18.34
CA ASP A 408 36.45 -16.10 -17.88
C ASP A 408 37.50 -16.14 -16.79
N THR A 409 37.38 -17.12 -15.89
CA THR A 409 38.17 -17.16 -14.67
C THR A 409 38.83 -18.52 -14.50
N LYS A 410 40.15 -18.52 -14.37
CA LYS A 410 40.86 -19.66 -13.82
C LYS A 410 40.85 -19.48 -12.30
N VAL A 411 40.23 -20.42 -11.60
CA VAL A 411 39.99 -20.26 -10.17
C VAL A 411 41.25 -20.68 -9.41
N ASP A 412 41.78 -19.78 -8.58
CA ASP A 412 42.88 -20.18 -7.71
C ASP A 412 42.32 -21.05 -6.60
N ILE A 413 42.58 -22.36 -6.71
CA ILE A 413 41.98 -23.38 -5.86
C ILE A 413 42.43 -23.22 -4.41
N PRO A 414 43.72 -23.08 -4.08
CA PRO A 414 44.05 -23.04 -2.65
C PRO A 414 43.44 -21.83 -1.95
N SER A 415 43.34 -20.67 -2.62
CA SER A 415 42.69 -19.53 -1.98
C SER A 415 41.19 -19.76 -1.84
N LEU A 416 40.55 -20.41 -2.82
CA LEU A 416 39.14 -20.72 -2.70
C LEU A 416 38.85 -21.62 -1.51
N ILE A 417 39.67 -22.65 -1.32
CA ILE A 417 39.47 -23.57 -0.21
C ILE A 417 39.70 -22.87 1.12
N GLN A 418 40.77 -22.09 1.22
CA GLN A 418 40.97 -21.25 2.39
C GLN A 418 39.75 -20.36 2.66
N THR A 419 39.20 -19.75 1.59
CA THR A 419 38.06 -18.86 1.77
C THR A 419 36.82 -19.61 2.26
N ILE A 420 36.55 -20.78 1.67
CA ILE A 420 35.43 -21.59 2.10
C ILE A 420 35.60 -22.04 3.55
N ARG A 421 36.82 -22.41 3.93
CA ARG A 421 37.04 -23.03 5.23
C ARG A 421 36.91 -22.04 6.39
N ARG A 422 36.90 -20.74 6.11
CA ARG A 422 36.65 -19.78 7.16
C ARG A 422 35.20 -19.75 7.59
N VAL A 423 34.31 -20.32 6.77
CA VAL A 423 32.87 -20.32 7.03
C VAL A 423 32.37 -21.73 7.34
N VAL A 424 32.68 -22.70 6.47
CA VAL A 424 32.30 -24.10 6.71
C VAL A 424 33.43 -24.77 7.46
N LYS A 425 33.23 -25.01 8.76
CA LYS A 425 34.30 -25.50 9.62
C LYS A 425 34.71 -26.93 9.25
N GLY A 426 33.73 -27.81 9.08
CA GLY A 426 34.02 -29.18 8.73
C GLY A 426 33.19 -29.67 7.56
N HIS A 427 32.23 -30.55 7.84
CA HIS A 427 31.34 -31.06 6.79
C HIS A 427 30.42 -29.94 6.32
N PRO A 428 30.26 -29.74 5.02
CA PRO A 428 29.22 -28.82 4.54
C PRO A 428 27.85 -29.47 4.55
N GLY A 429 26.84 -28.62 4.63
CA GLY A 429 25.46 -29.05 4.50
C GLY A 429 24.76 -29.28 5.82
N PRO A 430 23.47 -29.65 5.73
CA PRO A 430 22.61 -29.89 6.91
C PRO A 430 22.87 -31.21 7.65
N ARG A 431 23.97 -31.25 8.39
CA ARG A 431 24.29 -32.47 9.15
C ARG A 431 23.37 -32.54 10.37
N LYS A 432 22.14 -32.99 10.13
CA LYS A 432 21.20 -33.38 11.19
C LYS A 432 20.78 -32.21 12.07
N GLN A 433 20.85 -30.99 11.54
CA GLN A 433 20.39 -29.83 12.30
C GLN A 433 18.86 -29.77 12.28
N LYS A 434 18.28 -29.37 13.42
CA LYS A 434 16.84 -29.14 13.52
C LYS A 434 16.59 -27.64 13.57
N TRP A 435 15.60 -27.18 12.82
CA TRP A 435 15.35 -25.75 12.63
C TRP A 435 14.02 -25.35 13.25
N THR A 436 14.09 -24.59 14.33
CA THR A 436 12.93 -24.05 15.00
C THR A 436 12.68 -22.63 14.53
N VAL A 437 11.41 -22.25 14.45
CA VAL A 437 11.08 -20.89 14.09
C VAL A 437 11.17 -20.01 15.33
N SER A 438 11.69 -18.80 15.16
CA SER A 438 11.85 -17.85 16.24
C SER A 438 10.63 -16.94 16.28
N LEU A 439 9.98 -16.88 17.43
CA LEU A 439 8.78 -16.07 17.56
C LEU A 439 8.92 -15.13 18.75
N TYR A 440 8.05 -14.15 18.79
CA TYR A 440 8.26 -12.97 19.62
C TYR A 440 7.36 -12.97 20.85
N PRO A 441 7.80 -12.31 21.92
CA PRO A 441 6.94 -12.16 23.10
C PRO A 441 5.73 -11.31 22.79
N GLY A 442 4.62 -11.60 23.48
CA GLY A 442 3.52 -10.66 23.58
C GLY A 442 3.85 -9.56 24.58
N LYS A 443 2.89 -8.68 24.82
CA LYS A 443 3.09 -7.65 25.86
C LYS A 443 3.09 -8.26 27.26
N VAL A 444 3.88 -7.64 28.17
CA VAL A 444 3.68 -7.93 29.58
C VAL A 444 2.28 -7.45 29.98
N ARG A 445 1.75 -8.02 31.05
CA ARG A 445 0.38 -7.78 31.47
C ARG A 445 0.33 -7.25 32.89
N GLU A 446 -0.66 -6.38 33.13
CA GLU A 446 -1.01 -5.93 34.48
C GLU A 446 0.18 -5.25 35.16
N ALA A 447 0.92 -4.47 34.38
CA ALA A 447 1.97 -3.65 34.97
C ALA A 447 1.40 -2.73 36.04
N ARG A 448 2.14 -2.59 37.15
CA ARG A 448 1.71 -1.82 38.30
C ARG A 448 2.92 -1.14 38.90
N CYS A 449 2.67 -0.06 39.64
CA CYS A 449 3.77 0.54 40.38
C CYS A 449 3.24 1.24 41.63
N GLN A 450 4.15 1.42 42.59
CA GLN A 450 3.94 2.17 43.82
C GLN A 450 5.26 2.86 44.16
N ALA A 451 5.17 3.92 44.99
CA ALA A 451 6.33 4.72 45.34
C ALA A 451 6.39 4.92 46.86
N SER A 452 7.58 5.29 47.33
CA SER A 452 7.78 5.72 48.71
C SER A 452 8.85 6.80 48.71
N VAL A 453 8.82 7.64 49.75
CA VAL A 453 9.70 8.81 49.85
C VAL A 453 10.51 8.74 51.15
N GLN A 454 11.81 9.06 51.02
CA GLN A 454 12.72 9.10 52.15
C GLN A 454 13.19 10.51 52.49
N GLY A 455 13.02 11.47 51.58
CA GLY A 455 13.45 12.83 51.84
C GLY A 455 13.24 13.69 50.62
N ALA A 456 13.71 14.94 50.73
CA ALA A 456 13.45 15.93 49.68
C ALA A 456 13.94 15.46 48.31
N SER A 457 15.08 14.77 48.26
CA SER A 457 15.66 14.34 46.99
C SER A 457 15.82 12.82 46.90
N GLU A 458 15.03 12.07 47.66
CA GLU A 458 15.18 10.62 47.69
C GLU A 458 13.81 9.98 47.73
N ALA A 459 13.54 9.13 46.74
CA ALA A 459 12.30 8.39 46.63
C ALA A 459 12.63 7.05 45.96
N ARG A 460 11.70 6.10 46.08
CA ARG A 460 11.85 4.78 45.46
C ARG A 460 10.61 4.46 44.63
N LEU A 461 10.82 3.84 43.46
CA LEU A 461 9.72 3.52 42.54
C LEU A 461 9.73 2.03 42.26
N SER A 462 8.73 1.32 42.76
CA SER A 462 8.63 -0.12 42.62
C SER A 462 7.64 -0.44 41.51
N VAL A 463 8.03 -1.35 40.59
CA VAL A 463 7.27 -1.74 39.41
C VAL A 463 7.21 -3.26 39.34
N SER A 464 6.06 -3.81 38.96
CA SER A 464 5.91 -5.25 38.74
C SER A 464 4.97 -5.50 37.58
N TRP A 465 5.02 -6.72 37.03
CA TRP A 465 4.20 -7.09 35.89
C TRP A 465 4.11 -8.61 35.79
N GLN A 466 3.13 -9.07 35.02
CA GLN A 466 2.93 -10.48 34.73
C GLN A 466 3.55 -10.84 33.37
N ILE A 467 3.88 -12.12 33.21
CA ILE A 467 4.49 -12.59 31.96
C ILE A 467 3.58 -12.30 30.77
N PRO A 468 4.12 -12.19 29.57
CA PRO A 468 3.25 -12.14 28.39
C PRO A 468 2.40 -13.40 28.30
N TRP A 469 1.19 -13.22 27.74
CA TRP A 469 0.23 -14.33 27.71
C TRP A 469 0.78 -15.52 26.94
N ASN A 470 1.43 -15.28 25.79
CA ASN A 470 1.91 -16.42 25.01
C ASN A 470 3.06 -17.14 25.70
N LEU A 471 3.75 -16.48 26.63
CA LEU A 471 4.78 -17.17 27.41
C LEU A 471 4.19 -18.24 28.33
N LYS A 472 2.90 -18.17 28.66
CA LYS A 472 2.28 -19.25 29.42
C LYS A 472 2.37 -20.58 28.67
N TYR A 473 2.49 -20.55 27.34
CA TYR A 473 2.45 -21.75 26.52
C TYR A 473 3.76 -22.03 25.82
N LEU A 474 4.85 -21.42 26.27
CA LEU A 474 6.14 -21.53 25.61
C LEU A 474 7.19 -21.91 26.62
N LYS A 475 8.26 -22.52 26.15
CA LYS A 475 9.40 -22.75 27.00
C LYS A 475 10.60 -22.14 26.28
N VAL A 476 11.10 -21.05 26.87
CA VAL A 476 12.09 -20.16 26.27
C VAL A 476 13.36 -20.25 27.11
N ARG A 477 14.51 -20.37 26.44
CA ARG A 477 15.78 -20.47 27.15
C ARG A 477 16.01 -19.25 28.04
N GLU A 478 15.91 -18.06 27.47
CA GLU A 478 16.28 -16.83 28.17
C GLU A 478 15.15 -15.83 28.02
N VAL A 479 14.54 -15.44 29.14
CA VAL A 479 13.50 -14.41 29.16
C VAL A 479 14.02 -13.24 29.97
N LYS A 480 14.02 -12.04 29.36
CA LYS A 480 14.42 -10.81 30.03
C LYS A 480 13.34 -9.76 29.79
N TYR A 481 13.42 -8.68 30.58
CA TYR A 481 12.54 -7.53 30.43
C TYR A 481 13.38 -6.26 30.35
N GLU A 482 13.06 -5.40 29.40
CA GLU A 482 13.69 -4.09 29.28
C GLU A 482 12.67 -3.07 29.72
N VAL A 483 13.04 -2.24 30.70
CA VAL A 483 12.18 -1.19 31.21
C VAL A 483 12.80 0.16 30.85
N TRP A 484 12.00 1.05 30.26
CA TRP A 484 12.42 2.42 29.97
C TRP A 484 11.73 3.35 30.97
N LEU A 485 12.53 4.11 31.70
CA LEU A 485 12.06 5.03 32.72
C LEU A 485 12.21 6.45 32.18
N GLN A 486 11.12 7.22 32.16
CA GLN A 486 11.16 8.58 31.67
C GLN A 486 10.37 9.50 32.59
N GLU A 487 10.98 10.61 32.97
CA GLU A 487 10.28 11.63 33.73
C GLU A 487 9.31 12.36 32.82
N GLN A 488 8.07 12.54 33.29
CA GLN A 488 6.99 12.98 32.40
C GLN A 488 7.31 14.26 31.64
N GLY A 489 8.16 15.12 32.18
CA GLY A 489 8.45 16.33 31.42
C GLY A 489 9.62 16.28 30.45
N GLU A 490 10.38 15.19 30.42
CA GLU A 490 11.67 15.13 29.75
C GLU A 490 11.64 14.28 28.49
N ASN A 491 12.58 14.56 27.60
CA ASN A 491 12.83 13.74 26.40
C ASN A 491 13.93 12.72 26.65
N THR A 492 14.35 12.55 27.89
CA THR A 492 15.40 11.61 28.26
C THR A 492 14.76 10.40 28.91
N TYR A 493 15.28 9.24 28.59
CA TYR A 493 14.80 8.02 29.22
C TYR A 493 15.98 7.17 29.60
N VAL A 494 15.78 6.30 30.58
CA VAL A 494 16.82 5.37 31.03
C VAL A 494 16.32 3.94 30.85
N PRO A 495 16.98 3.12 30.03
CA PRO A 495 16.57 1.71 29.90
C PRO A 495 17.32 0.82 30.88
N TYR A 496 16.61 -0.18 31.40
CA TYR A 496 17.15 -1.15 32.34
C TYR A 496 16.86 -2.56 31.83
N MET A 497 17.88 -3.42 31.83
CA MET A 497 17.70 -4.84 31.54
C MET A 497 17.50 -5.63 32.82
N LEU A 498 16.44 -6.43 32.87
CA LEU A 498 16.04 -7.11 34.09
C LEU A 498 15.73 -8.56 33.80
N ALA A 499 16.04 -9.43 34.77
CA ALA A 499 15.63 -10.82 34.72
C ALA A 499 14.33 -11.08 35.48
N LEU A 500 14.09 -10.36 36.57
CA LEU A 500 12.89 -10.55 37.37
C LEU A 500 11.71 -9.77 36.79
N GLN A 501 10.51 -10.14 37.24
CA GLN A 501 9.29 -9.45 36.84
C GLN A 501 8.97 -8.26 37.74
N ASN A 502 9.98 -7.68 38.37
CA ASN A 502 9.77 -6.55 39.26
C ASN A 502 11.12 -5.89 39.51
N HIS A 503 11.07 -4.66 40.01
CA HIS A 503 12.25 -3.85 40.26
C HIS A 503 11.85 -2.62 41.05
N THR A 504 12.78 -2.15 41.87
CA THR A 504 12.62 -0.91 42.62
C THR A 504 13.71 0.04 42.15
N PHE A 505 13.31 1.11 41.47
CA PHE A 505 14.23 2.10 40.97
C PHE A 505 14.51 3.12 42.07
N THR A 506 15.78 3.53 42.17
CA THR A 506 16.24 4.45 43.20
C THR A 506 17.03 5.62 42.63
N GLU A 507 17.87 5.39 41.61
CA GLU A 507 18.79 6.41 41.15
C GLU A 507 18.04 7.58 40.53
N ASN A 508 18.24 8.77 41.09
CA ASN A 508 17.64 10.02 40.58
C ASN A 508 16.11 9.98 40.62
N ILE A 509 15.50 9.22 41.52
CA ILE A 509 14.05 9.20 41.68
C ILE A 509 13.69 10.26 42.71
N LYS A 510 12.76 11.15 42.36
CA LYS A 510 12.42 12.28 43.22
C LYS A 510 10.97 12.16 43.71
N PRO A 511 10.66 12.68 44.91
CA PRO A 511 9.26 12.78 45.32
C PRO A 511 8.49 13.77 44.46
N PHE A 512 7.16 13.69 44.55
CA PHE A 512 6.26 14.60 43.84
C PHE A 512 6.62 14.73 42.38
N THR A 513 6.91 13.58 41.74
CA THR A 513 7.31 13.54 40.35
C THR A 513 6.55 12.41 39.68
N THR A 514 6.18 12.61 38.41
CA THR A 514 5.48 11.60 37.62
C THR A 514 6.45 10.96 36.63
N TYR A 515 6.52 9.64 36.62
CA TYR A 515 7.39 8.91 35.72
C TYR A 515 6.56 8.08 34.75
N LEU A 516 7.02 8.01 33.51
CA LEU A 516 6.46 7.12 32.50
C LEU A 516 7.34 5.88 32.42
N VAL A 517 6.71 4.70 32.50
CA VAL A 517 7.41 3.43 32.56
C VAL A 517 6.93 2.57 31.38
N TRP A 518 7.85 2.19 30.52
CA TRP A 518 7.59 1.26 29.42
C TRP A 518 8.35 -0.03 29.67
N ILE A 519 7.70 -1.17 29.42
CA ILE A 519 8.25 -2.50 29.67
C ILE A 519 8.05 -3.34 28.43
N ARG A 520 9.10 -4.04 27.99
CA ARG A 520 8.92 -5.04 26.95
C ARG A 520 9.69 -6.30 27.34
N CYS A 521 9.18 -7.44 26.86
CA CYS A 521 9.83 -8.74 27.04
C CYS A 521 10.77 -9.01 25.87
N ILE A 522 11.83 -9.79 26.15
CA ILE A 522 12.82 -10.14 25.13
C ILE A 522 13.18 -11.60 25.29
N PHE A 523 12.98 -12.41 24.23
CA PHE A 523 13.38 -13.80 24.23
C PHE A 523 14.79 -13.92 23.64
N ASN A 524 15.66 -14.64 24.34
CA ASN A 524 16.98 -15.03 23.83
C ASN A 524 17.73 -13.86 23.22
N LYS A 525 17.73 -12.72 23.94
CA LYS A 525 18.53 -11.54 23.61
C LYS A 525 18.05 -10.77 22.39
N THR A 526 17.70 -11.46 21.29
CA THR A 526 17.45 -10.76 20.04
C THR A 526 15.97 -10.59 19.68
N LEU A 527 15.06 -11.30 20.32
CA LEU A 527 13.65 -11.25 19.91
C LEU A 527 12.92 -10.25 20.80
N LEU A 528 12.87 -8.99 20.31
CA LEU A 528 12.28 -7.88 21.03
C LEU A 528 10.75 -7.91 20.89
N GLY A 529 10.05 -8.00 22.02
CA GLY A 529 8.61 -7.93 22.00
C GLY A 529 8.10 -6.50 22.01
N PRO A 530 6.78 -6.35 21.89
CA PRO A 530 6.16 -5.03 21.99
C PRO A 530 6.22 -4.46 23.40
N PHE A 531 6.24 -3.13 23.46
CA PHE A 531 6.02 -2.45 24.73
C PHE A 531 4.54 -2.55 25.11
N ALA A 532 4.29 -2.66 26.41
CA ALA A 532 2.93 -2.54 26.90
C ALA A 532 2.50 -1.07 26.84
N ASP A 533 1.22 -0.82 27.12
CA ASP A 533 0.77 0.54 27.35
C ASP A 533 1.58 1.19 28.46
N VAL A 534 1.80 2.50 28.33
CA VAL A 534 2.64 3.21 29.30
C VAL A 534 2.04 3.09 30.69
N LEU A 535 2.91 2.92 31.68
CA LEU A 535 2.53 2.95 33.08
C LEU A 535 2.86 4.36 33.60
N VAL A 536 1.87 5.06 34.13
CA VAL A 536 2.10 6.40 34.70
C VAL A 536 2.22 6.25 36.21
N CYS A 537 3.33 6.73 36.77
CA CYS A 537 3.67 6.52 38.17
C CYS A 537 4.07 7.84 38.84
N SER A 538 3.25 8.28 39.79
CA SER A 538 3.52 9.49 40.53
C SER A 538 4.12 9.13 41.89
N THR A 539 5.18 9.86 42.27
CA THR A 539 5.79 9.69 43.57
C THR A 539 5.29 10.76 44.54
N ASP B 11 -15.75 -30.16 7.58
CA ASP B 11 -16.07 -30.77 8.86
C ASP B 11 -15.04 -30.40 9.91
N TYR B 12 -15.40 -30.58 11.18
CA TYR B 12 -14.52 -30.15 12.28
C TYR B 12 -13.18 -30.87 12.27
N PRO B 13 -13.11 -32.21 12.21
CA PRO B 13 -11.78 -32.85 12.26
C PRO B 13 -10.85 -32.43 11.14
N LYS B 14 -11.37 -32.23 9.93
CA LYS B 14 -10.53 -31.71 8.85
C LYS B 14 -10.02 -30.32 9.18
N ALA B 15 -10.89 -29.44 9.70
CA ALA B 15 -10.46 -28.09 10.00
C ALA B 15 -9.42 -28.10 11.11
N LEU B 16 -9.67 -28.87 12.17
CA LEU B 16 -8.71 -28.94 13.28
C LEU B 16 -7.36 -29.47 12.83
N GLN B 17 -7.36 -30.47 11.95
CA GLN B 17 -6.10 -31.00 11.43
C GLN B 17 -5.35 -29.97 10.59
N ILE B 18 -6.04 -29.27 9.68
CA ILE B 18 -5.40 -28.24 8.86
C ILE B 18 -4.76 -27.18 9.75
N LEU B 19 -5.52 -26.71 10.74
CA LEU B 19 -5.00 -25.71 11.67
C LEU B 19 -3.78 -26.25 12.43
N THR B 20 -3.87 -27.49 12.92
CA THR B 20 -2.87 -28.00 13.84
C THR B 20 -1.57 -28.35 13.13
N GLU B 21 -1.67 -28.96 11.94
CA GLU B 21 -0.49 -29.30 11.16
C GLU B 21 0.02 -28.09 10.37
N GLY B 22 -0.88 -27.28 9.81
CA GLY B 22 -0.48 -26.26 8.86
C GLY B 22 -0.22 -24.90 9.48
N GLY B 23 -1.02 -24.51 10.47
CA GLY B 23 -0.87 -23.21 11.10
C GLY B 23 -1.51 -22.06 10.34
N THR B 24 -1.33 -20.88 10.92
CA THR B 24 -1.88 -19.66 10.35
C THR B 24 -1.13 -19.25 9.08
N HIS B 25 -1.87 -18.62 8.17
CA HIS B 25 -1.37 -18.14 6.88
C HIS B 25 -1.79 -16.69 6.75
N MET B 26 -0.84 -15.79 6.40
CA MET B 26 -1.11 -14.35 6.32
C MET B 26 -0.44 -13.75 5.09
N VAL B 27 -1.24 -13.07 4.27
CA VAL B 27 -0.76 -12.31 3.13
C VAL B 27 -1.45 -10.94 3.16
N CYS B 28 -0.63 -9.87 3.21
CA CYS B 28 -1.07 -8.49 3.34
C CYS B 28 -0.51 -7.62 2.23
N THR B 29 -1.29 -6.59 1.85
CA THR B 29 -0.86 -5.55 0.93
C THR B 29 -0.24 -4.40 1.72
N GLY B 30 0.53 -3.57 1.01
CA GLY B 30 1.02 -2.33 1.60
C GLY B 30 2.38 -2.42 2.27
N ARG B 31 3.23 -1.41 2.05
CA ARG B 31 4.58 -1.47 2.57
C ARG B 31 4.72 -0.92 3.98
N THR B 32 3.71 -0.22 4.49
CA THR B 32 3.72 0.26 5.87
C THR B 32 2.39 -0.11 6.56
N HIS B 33 2.40 -0.03 7.90
CA HIS B 33 1.25 -0.39 8.71
C HIS B 33 0.05 0.53 8.48
N THR B 34 0.27 1.75 7.96
CA THR B 34 -0.81 2.69 7.77
C THR B 34 -1.57 2.49 6.46
N ASP B 35 -1.07 1.66 5.53
CA ASP B 35 -1.80 1.29 4.33
C ASP B 35 -1.85 -0.21 4.15
N ARG B 36 -2.13 -0.96 5.21
CA ARG B 36 -2.00 -2.40 5.17
C ARG B 36 -3.36 -3.07 5.33
N LEU B 37 -3.68 -3.97 4.40
CA LEU B 37 -4.84 -4.86 4.50
C LEU B 37 -4.35 -6.30 4.43
N CYS B 38 -4.85 -7.16 5.33
CA CYS B 38 -4.33 -8.50 5.50
C CYS B 38 -5.41 -9.55 5.24
N ARG B 39 -5.04 -10.61 4.50
CA ARG B 39 -5.85 -11.81 4.33
C ARG B 39 -5.24 -12.93 5.18
N PHE B 40 -6.04 -13.50 6.09
CA PHE B 40 -5.61 -14.54 7.02
C PHE B 40 -6.40 -15.83 6.76
N LYS B 41 -5.73 -16.97 6.93
CA LYS B 41 -6.37 -18.27 7.04
C LYS B 41 -5.92 -18.87 8.36
N TRP B 42 -6.88 -19.41 9.13
CA TRP B 42 -6.60 -20.07 10.41
C TRP B 42 -5.93 -19.12 11.41
N LEU B 43 -6.41 -17.89 11.45
CA LEU B 43 -6.06 -16.93 12.49
C LEU B 43 -6.97 -17.19 13.68
N CYS B 44 -6.41 -17.26 14.88
CA CYS B 44 -7.20 -17.60 16.05
C CYS B 44 -7.22 -16.42 17.04
N TYR B 45 -7.96 -16.61 18.12
CA TYR B 45 -8.27 -15.52 19.04
C TYR B 45 -8.58 -16.11 20.39
N SER B 46 -7.84 -15.68 21.41
CA SER B 46 -8.10 -16.05 22.80
C SER B 46 -9.11 -15.07 23.39
N SER B 47 -10.28 -15.57 23.75
CA SER B 47 -11.32 -14.73 24.34
C SER B 47 -10.91 -14.19 25.70
N GLU B 48 -10.13 -14.93 26.47
CA GLU B 48 -9.76 -14.42 27.78
C GLU B 48 -8.62 -13.42 27.71
N ALA B 49 -7.66 -13.66 26.80
CA ALA B 49 -6.56 -12.72 26.67
C ALA B 49 -6.92 -11.55 25.77
N GLU B 50 -8.00 -11.66 24.99
CA GLU B 50 -8.33 -10.71 23.93
C GLU B 50 -7.11 -10.49 23.02
N GLU B 51 -6.52 -11.59 22.60
CA GLU B 51 -5.37 -11.55 21.71
C GLU B 51 -5.65 -12.43 20.51
N PHE B 52 -5.43 -11.87 19.32
CA PHE B 52 -5.32 -12.71 18.14
C PHE B 52 -4.03 -13.52 18.19
N ILE B 53 -4.09 -14.75 17.64
CA ILE B 53 -3.00 -15.71 17.73
C ILE B 53 -2.61 -16.16 16.32
N PHE B 54 -1.31 -16.07 16.01
CA PHE B 54 -0.73 -16.64 14.79
C PHE B 54 -0.04 -17.92 15.23
N PHE B 55 -0.55 -19.07 14.74
CA PHE B 55 0.01 -20.38 15.07
C PHE B 55 0.97 -20.80 13.97
N HIS B 56 2.23 -21.06 14.33
CA HIS B 56 3.22 -21.46 13.34
C HIS B 56 3.10 -22.96 13.07
N GLY B 57 2.77 -23.31 11.84
CA GLY B 57 2.75 -24.71 11.46
C GLY B 57 3.53 -24.95 10.18
N ASN B 58 3.39 -26.13 9.57
CA ASN B 58 4.25 -26.45 8.46
C ASN B 58 3.82 -25.80 7.14
N ALA B 59 2.69 -25.10 7.11
CA ALA B 59 2.27 -24.38 5.91
C ALA B 59 2.19 -22.88 6.17
N SER B 60 2.65 -22.42 7.33
CA SER B 60 2.49 -21.03 7.70
C SER B 60 3.23 -20.10 6.74
N VAL B 61 2.63 -18.94 6.51
CA VAL B 61 3.18 -17.88 5.66
C VAL B 61 2.91 -16.55 6.35
N MET B 62 3.91 -15.68 6.38
CA MET B 62 3.76 -14.39 7.03
C MET B 62 4.33 -13.34 6.06
N LEU B 63 3.43 -12.65 5.35
CA LEU B 63 3.80 -11.58 4.42
C LEU B 63 3.00 -10.34 4.78
N PRO B 64 3.66 -9.25 5.25
CA PRO B 64 5.11 -9.12 5.43
C PRO B 64 5.65 -9.90 6.61
N SER B 65 6.92 -10.31 6.55
CA SER B 65 7.56 -10.99 7.69
C SER B 65 8.49 -9.94 8.30
N LEU B 66 8.06 -9.34 9.42
CA LEU B 66 8.67 -8.08 9.86
C LEU B 66 9.67 -8.22 11.00
N GLY B 67 9.79 -9.42 11.58
CA GLY B 67 10.63 -9.57 12.76
C GLY B 67 10.16 -8.65 13.87
N SER B 68 11.12 -8.04 14.57
CA SER B 68 10.78 -7.10 15.63
C SER B 68 10.09 -5.86 15.11
N ARG B 69 10.22 -5.56 13.82
CA ARG B 69 9.57 -4.37 13.29
C ARG B 69 8.06 -4.51 13.27
N ARG B 70 7.52 -5.72 13.50
CA ARG B 70 6.08 -5.88 13.66
C ARG B 70 5.53 -5.10 14.86
N PHE B 71 6.40 -4.65 15.78
CA PHE B 71 5.97 -3.85 16.93
C PHE B 71 6.46 -2.41 16.84
N GLN B 72 6.66 -1.91 15.63
CA GLN B 72 7.16 -0.55 15.42
C GLN B 72 6.29 0.14 14.37
N PRO B 73 5.05 0.51 14.73
CA PRO B 73 4.40 0.28 16.02
C PRO B 73 3.56 -0.98 16.07
N ALA B 74 3.18 -1.54 14.93
CA ALA B 74 2.20 -2.62 14.90
C ALA B 74 2.12 -3.18 13.49
N LEU B 75 1.26 -4.18 13.30
CA LEU B 75 1.07 -4.77 11.97
C LEU B 75 0.26 -3.85 11.05
N LEU B 76 -0.86 -3.31 11.53
CA LEU B 76 -1.70 -2.45 10.71
C LEU B 76 -2.61 -1.63 11.61
N ASP B 77 -3.17 -0.55 11.04
CA ASP B 77 -4.21 0.24 11.69
C ASP B 77 -5.54 -0.49 11.63
N LEU B 78 -6.21 -0.71 12.78
CA LEU B 78 -7.52 -1.40 12.75
C LEU B 78 -8.69 -0.45 12.51
N SER B 79 -8.51 0.84 12.76
CA SER B 79 -9.46 1.86 12.34
C SER B 79 -8.84 2.65 11.20
N THR B 80 -9.61 3.57 10.62
CA THR B 80 -9.04 4.39 9.56
C THR B 80 -8.39 5.67 10.06
N VAL B 81 -8.35 5.89 11.37
CA VAL B 81 -7.62 7.04 11.91
C VAL B 81 -6.14 6.71 11.88
N GLU B 82 -5.35 7.53 11.19
CA GLU B 82 -4.02 7.09 10.80
C GLU B 82 -3.10 6.97 12.01
N ASP B 83 -2.53 5.79 12.20
CA ASP B 83 -1.46 5.57 13.16
C ASP B 83 -1.91 5.95 14.58
N HIS B 84 -3.15 5.63 14.93
CA HIS B 84 -3.67 5.97 16.26
C HIS B 84 -3.24 4.88 17.24
N ASN B 85 -2.57 5.26 18.33
CA ASN B 85 -1.87 4.26 19.14
C ASN B 85 -2.79 3.43 20.02
N THR B 86 -4.10 3.70 20.06
CA THR B 86 -5.03 2.76 20.67
C THR B 86 -5.78 1.91 19.65
N GLN B 87 -5.51 2.07 18.35
CA GLN B 87 -6.27 1.39 17.31
C GLN B 87 -5.42 0.41 16.48
N TYR B 88 -4.31 -0.06 17.02
CA TYR B 88 -3.45 -0.98 16.28
C TYR B 88 -4.03 -2.39 16.30
N PHE B 89 -3.72 -3.15 15.25
CA PHE B 89 -3.90 -4.58 15.23
C PHE B 89 -2.53 -5.24 15.37
N ASN B 90 -2.48 -6.29 16.17
CA ASN B 90 -1.36 -7.23 16.12
C ASN B 90 -1.86 -8.57 16.59
N PHE B 91 -0.99 -9.59 16.47
CA PHE B 91 -1.24 -10.90 17.06
C PHE B 91 -0.03 -11.28 17.91
N VAL B 92 -0.24 -12.28 18.75
CA VAL B 92 0.83 -12.97 19.45
C VAL B 92 1.05 -14.30 18.74
N GLU B 93 2.26 -14.83 18.88
CA GLU B 93 2.65 -16.03 18.16
C GLU B 93 2.79 -17.22 19.11
N LEU B 94 2.46 -18.40 18.59
CA LEU B 94 2.66 -19.67 19.27
C LEU B 94 2.98 -20.74 18.21
N PRO B 95 3.68 -21.81 18.61
CA PRO B 95 3.71 -22.99 17.73
C PRO B 95 2.32 -23.58 17.67
N ALA B 96 1.96 -24.09 16.49
CA ALA B 96 0.68 -24.79 16.39
C ALA B 96 0.56 -25.90 17.44
N ALA B 97 1.67 -26.57 17.78
CA ALA B 97 1.61 -27.65 18.75
C ALA B 97 1.14 -27.18 20.13
N ALA B 98 1.25 -25.88 20.44
CA ALA B 98 0.74 -25.37 21.71
C ALA B 98 -0.77 -25.53 21.86
N LEU B 99 -1.47 -25.85 20.78
CA LEU B 99 -2.90 -26.18 20.88
C LEU B 99 -3.19 -27.30 21.86
N ARG B 100 -2.24 -28.20 22.13
CA ARG B 100 -2.50 -29.25 23.10
C ARG B 100 -2.74 -28.70 24.51
N PHE B 101 -2.32 -27.48 24.80
CA PHE B 101 -2.52 -26.90 26.13
C PHE B 101 -3.80 -26.08 26.24
N MET B 102 -4.62 -26.08 25.19
CA MET B 102 -5.75 -25.18 25.06
C MET B 102 -7.04 -25.94 24.85
N PRO B 103 -8.19 -25.32 25.13
CA PRO B 103 -9.47 -25.92 24.75
C PRO B 103 -9.51 -26.12 23.25
N LYS B 104 -10.35 -27.07 22.83
CA LYS B 104 -10.60 -27.25 21.42
C LYS B 104 -11.13 -25.95 20.82
N PRO B 105 -10.63 -25.55 19.67
CA PRO B 105 -11.08 -24.29 19.09
C PRO B 105 -12.53 -24.38 18.60
N VAL B 106 -13.20 -23.23 18.65
CA VAL B 106 -14.44 -23.01 17.93
C VAL B 106 -14.11 -22.34 16.61
N PHE B 107 -14.50 -22.97 15.51
CA PHE B 107 -14.25 -22.40 14.18
C PHE B 107 -15.38 -21.47 13.76
N VAL B 108 -15.03 -20.26 13.37
CA VAL B 108 -15.90 -19.32 12.69
C VAL B 108 -15.97 -19.71 11.22
N PRO B 109 -17.13 -20.09 10.71
CA PRO B 109 -17.20 -20.56 9.32
C PRO B 109 -17.35 -19.44 8.30
N ASP B 110 -17.99 -18.35 8.67
CA ASP B 110 -18.10 -17.22 7.77
C ASP B 110 -16.72 -16.62 7.51
N VAL B 111 -16.50 -16.18 6.28
CA VAL B 111 -15.43 -15.23 6.01
C VAL B 111 -15.71 -13.98 6.83
N ALA B 112 -14.69 -13.50 7.52
CA ALA B 112 -14.81 -12.34 8.39
C ALA B 112 -14.12 -11.13 7.79
N LEU B 113 -14.57 -9.95 8.17
CA LEU B 113 -13.81 -8.73 8.00
C LEU B 113 -13.73 -8.09 9.38
N ILE B 114 -12.51 -7.89 9.87
CA ILE B 114 -12.25 -7.49 11.23
C ILE B 114 -11.75 -6.05 11.22
N ALA B 115 -12.40 -5.19 12.02
CA ALA B 115 -12.05 -3.78 12.03
C ALA B 115 -12.49 -3.18 13.35
N ASN B 116 -12.01 -1.97 13.63
CA ASN B 116 -12.38 -1.17 14.78
C ASN B 116 -13.23 0.01 14.33
N ARG B 117 -14.36 0.25 15.00
CA ARG B 117 -15.12 1.46 14.79
C ARG B 117 -14.53 2.55 15.68
N PHE B 118 -14.26 3.72 15.13
CA PHE B 118 -13.49 4.70 15.89
C PHE B 118 -14.35 5.38 16.96
N ASN B 119 -15.54 5.83 16.60
CA ASN B 119 -16.48 6.43 17.57
C ASN B 119 -17.88 6.13 17.08
N PRO B 120 -18.40 4.94 17.38
CA PRO B 120 -19.73 4.54 16.88
C PRO B 120 -20.89 5.35 17.46
N ASP B 121 -20.64 6.33 18.33
CA ASP B 121 -21.72 7.18 18.84
C ASP B 121 -21.77 8.54 18.17
N ASN B 122 -20.91 8.80 17.18
CA ASN B 122 -20.86 10.07 16.49
C ASN B 122 -21.15 9.84 15.02
N LEU B 123 -22.18 10.53 14.49
CA LEU B 123 -22.65 10.24 13.14
C LEU B 123 -21.57 10.52 12.09
N MET B 124 -20.78 11.58 12.30
CA MET B 124 -19.71 11.89 11.37
C MET B 124 -18.63 10.81 11.40
N HIS B 125 -18.17 10.43 12.59
CA HIS B 125 -17.22 9.33 12.69
C HIS B 125 -17.79 8.06 12.08
N VAL B 126 -19.06 7.77 12.33
CA VAL B 126 -19.66 6.54 11.78
C VAL B 126 -19.52 6.52 10.26
N PHE B 127 -19.94 7.59 9.58
CA PHE B 127 -19.90 7.61 8.13
C PHE B 127 -18.47 7.69 7.61
N HIS B 128 -17.67 8.61 8.15
CA HIS B 128 -16.37 8.90 7.56
C HIS B 128 -15.33 7.84 7.92
N ASP B 129 -15.26 7.47 9.21
CA ASP B 129 -14.25 6.51 9.63
C ASP B 129 -14.61 5.07 9.28
N ASP B 130 -15.91 4.73 9.28
CA ASP B 130 -16.34 3.33 9.26
C ASP B 130 -17.12 2.95 8.00
N LEU B 131 -18.28 3.57 7.77
CA LEU B 131 -19.22 3.04 6.78
C LEU B 131 -18.67 3.12 5.36
N LEU B 132 -18.19 4.30 4.96
CA LEU B 132 -17.52 4.41 3.66
C LEU B 132 -16.33 3.48 3.56
N PRO B 133 -15.38 3.46 4.51
CA PRO B 133 -14.26 2.51 4.39
C PRO B 133 -14.72 1.05 4.38
N LEU B 134 -15.73 0.69 5.17
CA LEU B 134 -16.22 -0.69 5.13
C LEU B 134 -16.77 -1.02 3.76
N PHE B 135 -17.59 -0.12 3.22
CA PHE B 135 -18.24 -0.36 1.93
C PHE B 135 -17.22 -0.67 0.86
N TYR B 136 -16.15 0.11 0.77
CA TYR B 136 -15.20 -0.11 -0.31
C TYR B 136 -14.11 -1.13 0.03
N THR B 137 -13.80 -1.34 1.32
CA THR B 137 -12.88 -2.42 1.68
C THR B 137 -13.50 -3.77 1.35
N LEU B 138 -14.82 -3.91 1.59
CA LEU B 138 -15.51 -5.14 1.22
C LEU B 138 -15.43 -5.39 -0.28
N ARG B 139 -15.46 -4.32 -1.08
CA ARG B 139 -15.40 -4.46 -2.52
C ARG B 139 -13.97 -4.51 -3.06
N GLN B 140 -12.98 -4.38 -2.18
CA GLN B 140 -11.60 -4.60 -2.57
C GLN B 140 -11.30 -6.08 -2.84
N PHE B 141 -12.03 -7.00 -2.18
CA PHE B 141 -11.75 -8.42 -2.30
C PHE B 141 -12.98 -9.21 -2.77
N PRO B 142 -12.81 -10.08 -3.75
CA PRO B 142 -13.95 -10.83 -4.31
C PRO B 142 -14.63 -11.66 -3.22
N GLY B 143 -15.95 -11.73 -3.29
CA GLY B 143 -16.72 -12.53 -2.37
C GLY B 143 -17.08 -11.87 -1.06
N LEU B 144 -16.35 -10.83 -0.63
CA LEU B 144 -16.58 -10.26 0.69
C LEU B 144 -17.92 -9.57 0.77
N ALA B 145 -18.26 -8.74 -0.22
CA ALA B 145 -19.42 -7.86 -0.06
C ALA B 145 -20.68 -8.68 0.21
N ARG B 146 -20.79 -9.85 -0.41
CA ARG B 146 -22.00 -10.66 -0.26
C ARG B 146 -21.89 -11.69 0.86
N GLU B 147 -20.69 -12.13 1.23
CA GLU B 147 -20.51 -13.26 2.13
C GLU B 147 -19.92 -12.90 3.50
N ALA B 148 -19.34 -11.71 3.68
CA ALA B 148 -18.58 -11.43 4.89
C ALA B 148 -19.49 -11.11 6.08
N ARG B 149 -19.05 -11.54 7.26
CA ARG B 149 -19.61 -11.07 8.51
C ARG B 149 -18.62 -10.11 9.14
N LEU B 150 -19.10 -8.92 9.52
CA LEU B 150 -18.24 -7.94 10.16
C LEU B 150 -18.03 -8.29 11.63
N PHE B 151 -16.79 -8.14 12.09
CA PHE B 151 -16.46 -8.29 13.51
C PHE B 151 -15.86 -6.97 13.99
N PHE B 152 -16.55 -6.29 14.90
CA PHE B 152 -16.08 -5.01 15.41
C PHE B 152 -15.34 -5.25 16.72
N MET B 153 -14.03 -5.00 16.73
CA MET B 153 -13.20 -5.44 17.85
C MET B 153 -12.79 -4.30 18.78
N GLU B 154 -13.34 -3.10 18.62
CA GLU B 154 -12.83 -1.96 19.38
C GLU B 154 -13.28 -1.98 20.84
N GLY B 155 -14.28 -2.79 21.18
CA GLY B 155 -14.76 -2.87 22.54
C GLY B 155 -15.95 -2.00 22.88
N TRP B 156 -16.46 -1.19 21.95
CA TRP B 156 -17.68 -0.45 22.25
C TRP B 156 -18.90 -1.33 22.00
N GLY B 157 -20.04 -0.89 22.52
CA GLY B 157 -21.30 -1.57 22.30
C GLY B 157 -21.89 -1.22 20.94
N GLU B 158 -23.16 -1.60 20.76
CA GLU B 158 -23.83 -1.35 19.49
C GLU B 158 -23.77 0.12 19.09
N GLY B 159 -23.98 1.01 20.05
CA GLY B 159 -23.99 2.43 19.76
C GLY B 159 -25.27 2.90 19.12
N ALA B 160 -25.35 4.22 18.90
CA ALA B 160 -26.60 4.82 18.47
C ALA B 160 -26.93 4.57 17.00
N HIS B 161 -26.00 4.04 16.22
CA HIS B 161 -26.19 3.92 14.78
C HIS B 161 -25.92 2.51 14.29
N PHE B 162 -26.13 1.51 15.15
CA PHE B 162 -25.88 0.13 14.77
C PHE B 162 -26.70 -0.27 13.55
N ASP B 163 -27.92 0.28 13.41
CA ASP B 163 -28.73 0.00 12.23
C ASP B 163 -28.00 0.32 10.93
N LEU B 164 -27.15 1.36 10.92
CA LEU B 164 -26.44 1.71 9.69
C LEU B 164 -25.35 0.67 9.39
N TYR B 165 -24.61 0.22 10.43
CA TYR B 165 -23.59 -0.81 10.22
C TYR B 165 -24.21 -2.09 9.68
N LYS B 166 -25.43 -2.43 10.13
CA LYS B 166 -26.12 -3.62 9.65
C LYS B 166 -26.49 -3.51 8.17
N LEU B 167 -26.70 -2.30 7.65
CA LEU B 167 -27.06 -2.17 6.24
C LEU B 167 -25.92 -2.55 5.33
N LEU B 168 -24.70 -2.60 5.85
CA LEU B 168 -23.52 -2.84 5.03
C LEU B 168 -23.23 -4.32 4.82
N SER B 169 -24.04 -5.22 5.38
CA SER B 169 -23.80 -6.66 5.23
C SER B 169 -25.09 -7.42 5.39
N PRO B 170 -25.28 -8.53 4.68
CA PRO B 170 -26.46 -9.37 4.95
C PRO B 170 -26.34 -10.17 6.24
N LYS B 171 -25.13 -10.56 6.64
CA LYS B 171 -24.96 -11.24 7.92
C LYS B 171 -24.89 -10.22 9.05
N GLN B 172 -25.42 -10.60 10.20
CA GLN B 172 -25.42 -9.68 11.33
C GLN B 172 -24.00 -9.47 11.86
N PRO B 173 -23.59 -8.23 12.11
CA PRO B 173 -22.23 -8.01 12.62
C PRO B 173 -22.13 -8.46 14.07
N LEU B 174 -20.92 -8.85 14.47
CA LEU B 174 -20.64 -9.31 15.82
C LEU B 174 -19.71 -8.32 16.53
N LEU B 175 -19.98 -8.06 17.80
CA LEU B 175 -19.09 -7.26 18.62
C LEU B 175 -18.15 -8.17 19.39
N ARG B 176 -17.04 -7.59 19.84
CA ARG B 176 -16.03 -8.36 20.58
C ARG B 176 -16.64 -9.12 21.76
N ALA B 177 -17.62 -8.53 22.44
CA ALA B 177 -18.21 -9.22 23.58
C ALA B 177 -18.89 -10.51 23.16
N GLN B 178 -19.56 -10.51 22.00
CA GLN B 178 -20.24 -11.70 21.53
C GLN B 178 -19.29 -12.78 21.04
N LEU B 179 -18.01 -12.43 20.78
CA LEU B 179 -16.99 -13.43 20.47
C LEU B 179 -16.60 -14.25 21.68
N LYS B 180 -16.31 -13.58 22.80
CA LYS B 180 -15.97 -14.28 24.02
C LYS B 180 -17.03 -15.33 24.36
N ALA B 181 -18.29 -14.99 24.12
CA ALA B 181 -19.37 -15.91 24.46
C ALA B 181 -19.30 -17.20 23.64
N LEU B 182 -18.78 -17.14 22.40
CA LEU B 182 -18.76 -18.32 21.55
C LEU B 182 -17.77 -19.39 22.01
N GLY B 183 -16.77 -19.00 22.79
CA GLY B 183 -15.84 -19.97 23.35
C GLY B 183 -14.55 -19.31 23.76
N ARG B 184 -13.68 -20.13 24.38
CA ARG B 184 -12.43 -19.61 24.89
C ARG B 184 -11.39 -19.41 23.78
N LEU B 185 -11.41 -20.26 22.76
CA LEU B 185 -10.47 -20.20 21.65
C LEU B 185 -11.29 -20.22 20.38
N LEU B 186 -11.27 -19.11 19.63
CA LEU B 186 -11.94 -19.01 18.35
C LEU B 186 -10.91 -18.99 17.22
N CYS B 187 -11.24 -19.63 16.11
CA CYS B 187 -10.34 -19.66 14.98
C CYS B 187 -11.13 -19.31 13.73
N PHE B 188 -10.60 -18.34 12.97
CA PHE B 188 -11.20 -17.94 11.70
C PHE B 188 -10.56 -18.74 10.57
N SER B 189 -11.38 -19.54 9.87
CA SER B 189 -10.86 -20.22 8.70
C SER B 189 -10.44 -19.23 7.63
N HIS B 190 -11.12 -18.08 7.56
CA HIS B 190 -10.85 -17.09 6.52
C HIS B 190 -11.25 -15.71 7.07
N ALA B 191 -10.27 -14.81 7.21
CA ALA B 191 -10.52 -13.48 7.78
C ALA B 191 -9.67 -12.41 7.11
N PHE B 192 -10.30 -11.29 6.80
CA PHE B 192 -9.60 -10.09 6.34
C PHE B 192 -9.55 -9.11 7.51
N VAL B 193 -8.45 -8.39 7.63
CA VAL B 193 -8.26 -7.48 8.73
C VAL B 193 -7.80 -6.14 8.17
N GLY B 194 -8.41 -5.06 8.66
CA GLY B 194 -8.07 -3.71 8.32
C GLY B 194 -9.11 -3.06 7.40
N LEU B 195 -8.98 -1.76 7.24
CA LEU B 195 -9.87 -0.95 6.42
C LEU B 195 -9.04 0.01 5.60
N SER B 196 -9.42 0.17 4.34
CA SER B 196 -8.73 1.12 3.47
C SER B 196 -9.01 2.56 3.92
N LYS B 197 -8.01 3.42 3.81
CA LYS B 197 -8.18 4.85 4.07
C LYS B 197 -8.53 5.64 2.80
N VAL B 198 -8.79 4.97 1.67
CA VAL B 198 -8.89 5.68 0.40
C VAL B 198 -10.07 6.66 0.40
N THR B 199 -11.14 6.39 1.17
CA THR B 199 -12.29 7.29 1.16
C THR B 199 -12.21 8.42 2.19
N THR B 200 -11.18 8.48 3.04
CA THR B 200 -11.20 9.51 4.08
C THR B 200 -10.80 10.85 3.49
N TRP B 201 -11.27 11.93 4.13
CA TRP B 201 -10.96 13.30 3.70
C TRP B 201 -10.61 14.22 4.85
N TYR B 202 -10.65 13.75 6.10
CA TYR B 202 -10.41 14.61 7.25
C TYR B 202 -9.53 13.88 8.26
N GLN B 203 -8.76 14.66 9.03
CA GLN B 203 -8.01 14.13 10.16
C GLN B 203 -8.31 14.97 11.40
N TYR B 204 -8.39 14.32 12.56
CA TYR B 204 -8.98 14.92 13.75
C TYR B 204 -7.98 15.67 14.62
N GLY B 205 -6.77 15.89 14.13
CA GLY B 205 -5.84 16.77 14.83
C GLY B 205 -5.07 16.14 15.97
N PHE B 206 -4.57 14.90 15.76
CA PHE B 206 -3.83 14.23 16.83
C PHE B 206 -2.37 14.67 16.88
N VAL B 207 -1.78 15.05 15.75
CA VAL B 207 -0.40 15.51 15.70
C VAL B 207 -0.30 16.98 15.29
N GLN B 208 -1.12 17.41 14.34
CA GLN B 208 -1.23 18.80 13.93
C GLN B 208 -2.69 19.19 13.84
N PRO B 209 -3.03 20.47 14.00
CA PRO B 209 -4.45 20.87 14.13
C PRO B 209 -5.34 20.28 13.04
N GLN B 210 -6.55 19.89 13.45
CA GLN B 210 -7.47 19.17 12.58
C GLN B 210 -7.76 19.97 11.32
N GLY B 211 -7.86 19.26 10.19
CA GLY B 211 -8.10 19.87 8.92
C GLY B 211 -8.26 18.82 7.85
N PRO B 212 -8.33 19.25 6.59
CA PRO B 212 -8.48 18.29 5.49
C PRO B 212 -7.26 17.39 5.38
N LYS B 213 -7.50 16.14 4.94
CA LYS B 213 -6.38 15.24 4.68
C LYS B 213 -5.49 15.81 3.58
N ALA B 214 -4.18 15.53 3.69
CA ALA B 214 -3.20 16.19 2.82
C ALA B 214 -3.39 15.82 1.34
N ASN B 215 -3.55 14.52 1.05
CA ASN B 215 -3.72 14.04 -0.32
CA ASN B 215 -3.72 14.05 -0.33
C ASN B 215 -4.99 13.19 -0.36
N ILE B 216 -6.12 13.83 -0.66
CA ILE B 216 -7.41 13.18 -0.67
C ILE B 216 -7.54 12.34 -1.94
N LEU B 217 -7.97 11.08 -1.78
CA LEU B 217 -7.98 10.12 -2.88
C LEU B 217 -9.39 9.71 -3.30
N VAL B 218 -10.40 10.37 -2.76
CA VAL B 218 -11.80 10.07 -3.06
C VAL B 218 -12.42 11.32 -3.69
N SER B 219 -13.35 11.11 -4.62
CA SER B 219 -14.12 12.19 -5.21
C SER B 219 -15.60 12.04 -4.85
N GLY B 220 -16.39 13.06 -5.17
CA GLY B 220 -17.81 13.01 -4.86
C GLY B 220 -18.54 11.88 -5.57
N ASN B 221 -18.02 11.42 -6.71
CA ASN B 221 -18.67 10.31 -7.39
C ASN B 221 -18.71 9.06 -6.51
N GLU B 222 -17.57 8.74 -5.87
CA GLU B 222 -17.54 7.53 -5.02
C GLU B 222 -18.33 7.72 -3.74
N ILE B 223 -18.36 8.94 -3.19
CA ILE B 223 -19.27 9.25 -2.09
C ILE B 223 -20.71 9.01 -2.51
N ARG B 224 -21.08 9.53 -3.69
CA ARG B 224 -22.47 9.42 -4.13
C ARG B 224 -22.84 7.99 -4.50
N GLN B 225 -21.91 7.22 -5.04
CA GLN B 225 -22.23 5.81 -5.31
C GLN B 225 -22.54 5.07 -4.01
N PHE B 226 -21.75 5.34 -2.96
CA PHE B 226 -22.05 4.81 -1.64
C PHE B 226 -23.42 5.28 -1.13
N ALA B 227 -23.70 6.58 -1.28
CA ALA B 227 -24.97 7.12 -0.79
C ALA B 227 -26.16 6.47 -1.49
N HIS B 228 -26.04 6.27 -2.80
CA HIS B 228 -27.09 5.61 -3.57
C HIS B 228 -27.35 4.20 -3.03
N PHE B 229 -26.29 3.48 -2.68
CA PHE B 229 -26.44 2.15 -2.08
C PHE B 229 -27.21 2.24 -0.76
N LEU B 230 -26.78 3.13 0.13
CA LEU B 230 -27.48 3.27 1.40
C LEU B 230 -28.94 3.65 1.20
N MET B 231 -29.21 4.59 0.28
CA MET B 231 -30.59 5.03 0.08
C MET B 231 -31.49 3.88 -0.34
N GLU B 232 -31.03 3.02 -1.26
CA GLU B 232 -31.86 1.89 -1.66
C GLU B 232 -32.05 0.92 -0.49
N LYS B 233 -31.01 0.74 0.33
CA LYS B 233 -31.13 -0.10 1.51
C LYS B 233 -32.08 0.49 2.53
N LEU B 234 -32.33 1.81 2.46
CA LEU B 234 -33.27 2.47 3.34
C LEU B 234 -34.64 2.68 2.68
N ASN B 235 -34.84 2.16 1.47
CA ASN B 235 -36.10 2.33 0.71
C ASN B 235 -36.40 3.81 0.46
N VAL B 236 -35.39 4.53 -0.01
CA VAL B 236 -35.48 5.95 -0.30
C VAL B 236 -35.14 6.16 -1.77
N SER B 237 -36.09 6.68 -2.53
CA SER B 237 -35.85 6.98 -3.95
C SER B 237 -35.35 8.41 -4.14
N GLU B 245 -42.91 22.24 -4.18
CA GLU B 245 -42.44 21.05 -3.49
C GLU B 245 -40.93 21.17 -3.25
N GLU B 246 -40.33 22.22 -3.81
CA GLU B 246 -38.94 22.55 -3.49
C GLU B 246 -38.85 23.12 -2.08
N TYR B 247 -37.76 22.80 -1.37
CA TYR B 247 -37.70 23.21 0.03
C TYR B 247 -36.27 23.41 0.50
N ILE B 248 -36.14 24.17 1.59
CA ILE B 248 -34.89 24.42 2.30
C ILE B 248 -34.97 23.70 3.64
N LEU B 249 -33.95 22.90 3.95
CA LEU B 249 -33.97 22.02 5.13
C LEU B 249 -33.02 22.55 6.19
N VAL B 250 -33.56 22.78 7.39
CA VAL B 250 -32.76 23.16 8.55
C VAL B 250 -32.61 21.96 9.47
N PHE B 251 -31.37 21.61 9.79
CA PHE B 251 -31.05 20.41 10.57
C PHE B 251 -30.87 20.84 12.02
N SER B 252 -31.90 20.63 12.84
CA SER B 252 -31.94 21.15 14.20
C SER B 252 -31.17 20.25 15.16
N ARG B 253 -30.47 20.89 16.10
CA ARG B 253 -29.98 20.23 17.30
C ARG B 253 -30.89 20.60 18.46
N THR B 254 -31.18 19.63 19.33
CA THR B 254 -32.09 19.82 20.45
C THR B 254 -31.40 19.84 21.80
N GLN B 255 -30.40 18.97 22.03
CA GLN B 255 -29.84 18.85 23.37
C GLN B 255 -28.75 19.89 23.65
N ASN B 256 -28.00 20.31 22.65
CA ASN B 256 -26.93 21.27 22.86
C ASN B 256 -26.52 21.85 21.52
N ARG B 257 -25.71 22.92 21.58
CA ARG B 257 -25.29 23.68 20.40
C ARG B 257 -26.50 24.11 19.58
N LEU B 258 -27.38 24.84 20.26
CA LEU B 258 -28.69 25.18 19.73
C LEU B 258 -28.63 26.37 18.79
N ILE B 259 -29.64 26.46 17.93
CA ILE B 259 -30.00 27.69 17.25
C ILE B 259 -31.21 28.27 17.98
N LEU B 260 -31.06 29.46 18.54
CA LEU B 260 -32.07 29.98 19.45
C LEU B 260 -33.21 30.68 18.72
N ASN B 261 -32.92 31.45 17.67
CA ASN B 261 -33.96 32.13 16.90
C ASN B 261 -34.45 31.23 15.76
N GLU B 262 -34.88 30.02 16.13
CA GLU B 262 -35.21 28.99 15.15
C GLU B 262 -36.38 29.43 14.26
N ALA B 263 -37.50 29.84 14.88
CA ALA B 263 -38.68 30.19 14.11
C ALA B 263 -38.40 31.36 13.17
N GLU B 264 -37.72 32.39 13.68
CA GLU B 264 -37.40 33.55 12.84
C GLU B 264 -36.45 33.17 11.71
N LEU B 265 -35.56 32.21 11.95
CA LEU B 265 -34.71 31.72 10.87
C LEU B 265 -35.53 31.05 9.78
N LEU B 266 -36.48 30.20 10.15
CA LEU B 266 -37.26 29.47 9.15
C LEU B 266 -38.07 30.42 8.29
N LEU B 267 -38.74 31.40 8.91
CA LEU B 267 -39.56 32.33 8.15
C LEU B 267 -38.70 33.26 7.30
N ALA B 268 -37.56 33.69 7.83
CA ALA B 268 -36.68 34.57 7.05
C ALA B 268 -36.13 33.85 5.83
N LEU B 269 -35.71 32.59 5.99
CA LEU B 269 -35.24 31.80 4.84
C LEU B 269 -36.34 31.63 3.80
N ALA B 270 -37.56 31.32 4.26
CA ALA B 270 -38.65 31.05 3.33
C ALA B 270 -39.09 32.32 2.59
N GLN B 271 -39.08 33.47 3.27
CA GLN B 271 -39.52 34.70 2.62
C GLN B 271 -38.50 35.17 1.59
N GLU B 272 -37.21 35.06 1.90
CA GLU B 272 -36.18 35.59 1.00
C GLU B 272 -36.01 34.71 -0.24
N PHE B 273 -35.97 33.39 -0.04
CA PHE B 273 -35.71 32.47 -1.15
C PHE B 273 -36.98 31.92 -1.78
N GLN B 274 -38.16 32.29 -1.29
CA GLN B 274 -39.44 31.93 -1.90
C GLN B 274 -39.59 30.42 -2.02
N MET B 275 -39.45 29.74 -0.88
CA MET B 275 -39.40 28.29 -0.83
C MET B 275 -39.89 27.81 0.52
N LYS B 276 -40.52 26.63 0.52
CA LYS B 276 -40.84 25.95 1.78
C LYS B 276 -39.59 25.75 2.62
N THR B 277 -39.73 25.84 3.93
CA THR B 277 -38.66 25.44 4.83
C THR B 277 -39.16 24.36 5.77
N VAL B 278 -38.25 23.48 6.14
CA VAL B 278 -38.54 22.26 6.88
C VAL B 278 -37.47 22.08 7.94
N THR B 279 -37.88 21.67 9.13
CA THR B 279 -36.95 21.39 10.20
C THR B 279 -36.80 19.88 10.35
N VAL B 280 -35.57 19.42 10.57
CA VAL B 280 -35.28 17.99 10.71
C VAL B 280 -34.34 17.78 11.89
N SER B 281 -34.39 16.57 12.47
CA SER B 281 -33.59 16.19 13.63
C SER B 281 -33.35 14.69 13.60
N LEU B 282 -32.22 14.26 14.19
CA LEU B 282 -31.95 12.83 14.29
C LEU B 282 -32.82 12.14 15.34
N GLU B 283 -33.16 12.86 16.42
CA GLU B 283 -33.83 12.23 17.55
C GLU B 283 -35.29 11.91 17.23
N ASP B 284 -35.95 12.74 16.43
CA ASP B 284 -37.39 12.66 16.26
C ASP B 284 -37.82 12.05 14.94
N HIS B 285 -36.89 11.69 14.07
CA HIS B 285 -37.24 11.02 12.83
C HIS B 285 -36.44 9.74 12.72
N ALA B 286 -36.99 8.78 11.98
CA ALA B 286 -36.21 7.63 11.58
C ALA B 286 -35.14 8.09 10.59
N PHE B 287 -33.99 7.41 10.61
CA PHE B 287 -32.91 7.85 9.73
C PHE B 287 -33.32 7.77 8.26
N ALA B 288 -34.13 6.77 7.89
CA ALA B 288 -34.62 6.65 6.52
C ALA B 288 -35.36 7.90 6.08
N ASP B 289 -36.18 8.47 6.97
CA ASP B 289 -36.88 9.71 6.64
C ASP B 289 -35.95 10.91 6.69
N VAL B 290 -34.95 10.89 7.57
CA VAL B 290 -33.92 11.93 7.56
C VAL B 290 -33.24 11.97 6.20
N VAL B 291 -32.83 10.80 5.69
CA VAL B 291 -32.18 10.74 4.39
C VAL B 291 -33.13 11.17 3.29
N ARG B 292 -34.39 10.75 3.38
CA ARG B 292 -35.40 11.16 2.41
C ARG B 292 -35.46 12.67 2.30
N LEU B 293 -35.58 13.37 3.44
CA LEU B 293 -35.66 14.82 3.45
C LEU B 293 -34.42 15.46 2.85
N VAL B 294 -33.23 15.04 3.30
CA VAL B 294 -31.97 15.60 2.80
C VAL B 294 -31.82 15.33 1.30
N SER B 295 -32.18 14.12 0.86
CA SER B 295 -31.87 13.69 -0.50
C SER B 295 -32.51 14.57 -1.57
N ASN B 296 -33.57 15.30 -1.25
CA ASN B 296 -34.17 16.21 -2.21
C ASN B 296 -34.27 17.62 -1.64
N ALA B 297 -33.35 18.01 -0.78
CA ALA B 297 -33.31 19.36 -0.26
C ALA B 297 -32.50 20.25 -1.21
N SER B 298 -32.98 21.48 -1.41
CA SER B 298 -32.21 22.40 -2.24
C SER B 298 -31.17 23.17 -1.44
N MET B 299 -31.36 23.31 -0.15
CA MET B 299 -30.41 23.95 0.74
C MET B 299 -30.47 23.23 2.08
N LEU B 300 -29.31 23.04 2.70
CA LEU B 300 -29.20 22.38 4.01
C LEU B 300 -28.52 23.35 4.96
N VAL B 301 -29.25 23.84 5.96
CA VAL B 301 -28.74 24.81 6.93
C VAL B 301 -28.61 24.12 8.28
N SER B 302 -27.41 24.17 8.85
CA SER B 302 -27.22 23.47 10.12
C SER B 302 -26.06 24.10 10.88
N MET B 303 -26.13 24.00 12.21
CA MET B 303 -24.97 24.25 13.05
C MET B 303 -23.89 23.20 12.75
N HIS B 304 -22.65 23.60 12.99
CA HIS B 304 -21.53 22.68 12.84
C HIS B 304 -21.72 21.50 13.80
N GLY B 305 -21.71 20.29 13.26
CA GLY B 305 -22.00 19.14 14.08
C GLY B 305 -22.21 17.91 13.24
N ALA B 306 -22.20 16.76 13.93
CA ALA B 306 -22.11 15.47 13.26
C ALA B 306 -23.24 15.28 12.26
N GLN B 307 -24.40 15.89 12.48
CA GLN B 307 -25.53 15.73 11.58
C GLN B 307 -25.23 16.27 10.18
N LEU B 308 -24.30 17.21 10.05
CA LEU B 308 -23.98 17.74 8.73
C LEU B 308 -23.29 16.72 7.83
N VAL B 309 -22.89 15.55 8.36
CA VAL B 309 -22.33 14.54 7.47
C VAL B 309 -23.39 14.04 6.50
N THR B 310 -24.67 14.25 6.83
CA THR B 310 -25.75 13.87 5.92
C THR B 310 -25.74 14.68 4.64
N ALA B 311 -24.96 15.76 4.57
CA ALA B 311 -24.83 16.50 3.32
C ALA B 311 -24.39 15.62 2.16
N LEU B 312 -23.72 14.50 2.41
CA LEU B 312 -23.35 13.63 1.29
C LEU B 312 -24.58 13.07 0.57
N PHE B 313 -25.78 13.17 1.17
CA PHE B 313 -27.01 12.76 0.52
C PHE B 313 -27.65 13.87 -0.31
N LEU B 314 -27.19 15.12 -0.19
CA LEU B 314 -27.83 16.22 -0.92
C LEU B 314 -27.74 15.99 -2.43
N PRO B 315 -28.73 16.48 -3.18
CA PRO B 315 -28.61 16.43 -4.65
C PRO B 315 -27.52 17.37 -5.15
N ARG B 316 -26.99 17.04 -6.33
CA ARG B 316 -25.99 17.91 -6.94
C ARG B 316 -26.56 19.31 -7.12
N GLY B 317 -25.71 20.31 -6.91
CA GLY B 317 -26.15 21.69 -6.99
C GLY B 317 -26.82 22.24 -5.76
N ALA B 318 -27.05 21.42 -4.73
CA ALA B 318 -27.62 21.97 -3.50
C ALA B 318 -26.56 22.78 -2.74
N ALA B 319 -27.03 23.57 -1.78
CA ALA B 319 -26.17 24.46 -1.02
C ALA B 319 -26.09 24.02 0.44
N VAL B 320 -24.88 24.01 0.98
CA VAL B 320 -24.64 23.72 2.39
C VAL B 320 -24.32 25.03 3.09
N VAL B 321 -25.07 25.33 4.14
CA VAL B 321 -24.88 26.53 4.96
C VAL B 321 -24.53 26.07 6.37
N GLU B 322 -23.28 26.25 6.76
CA GLU B 322 -22.77 25.80 8.05
C GLU B 322 -22.60 26.99 8.98
N LEU B 323 -23.28 26.96 10.12
CA LEU B 323 -23.24 28.06 11.08
C LEU B 323 -22.29 27.72 12.22
N PHE B 324 -21.33 28.63 12.48
CA PHE B 324 -20.32 28.42 13.52
C PHE B 324 -20.56 29.37 14.68
N PRO B 325 -20.42 28.90 15.93
CA PRO B 325 -20.67 29.77 17.08
C PRO B 325 -19.60 30.83 17.24
N TYR B 326 -19.78 31.71 18.23
CA TYR B 326 -18.83 32.81 18.45
C TYR B 326 -17.46 32.28 18.84
N ALA B 327 -16.42 32.92 18.29
CA ALA B 327 -15.01 32.62 18.54
C ALA B 327 -14.53 31.36 17.85
N VAL B 328 -15.34 30.72 17.02
CA VAL B 328 -14.94 29.52 16.28
C VAL B 328 -14.81 29.90 14.81
N ASN B 329 -13.57 29.96 14.34
CA ASN B 329 -13.26 30.30 12.95
C ASN B 329 -13.68 29.18 12.03
N PRO B 330 -14.52 29.43 11.02
CA PRO B 330 -14.87 28.36 10.07
C PRO B 330 -13.69 27.75 9.33
N ASP B 331 -12.59 28.50 9.17
CA ASP B 331 -11.43 27.98 8.46
C ASP B 331 -10.62 26.97 9.26
N HIS B 332 -10.90 26.81 10.56
CA HIS B 332 -10.16 25.88 11.39
C HIS B 332 -10.85 24.53 11.54
N TYR B 333 -12.15 24.45 11.26
CA TYR B 333 -12.93 23.23 11.49
C TYR B 333 -13.70 22.93 10.20
N THR B 334 -13.06 22.17 9.32
CA THR B 334 -13.62 22.06 7.98
C THR B 334 -13.99 20.66 7.50
N PRO B 335 -14.52 19.76 8.35
CA PRO B 335 -14.87 18.42 7.83
C PRO B 335 -16.01 18.46 6.83
N TYR B 336 -16.98 19.34 7.02
CA TYR B 336 -18.12 19.42 6.13
C TYR B 336 -17.86 20.35 4.97
N LYS B 337 -17.05 21.39 5.16
CA LYS B 337 -16.59 22.17 4.01
C LYS B 337 -15.80 21.29 3.05
N THR B 338 -14.86 20.49 3.58
CA THR B 338 -14.08 19.59 2.74
C THR B 338 -14.98 18.65 1.96
N LEU B 339 -15.97 18.04 2.64
CA LEU B 339 -16.92 17.15 1.97
C LEU B 339 -17.70 17.88 0.88
N ALA B 340 -18.27 19.05 1.21
CA ALA B 340 -19.13 19.76 0.26
C ALA B 340 -18.36 20.18 -1.00
N THR B 341 -17.09 20.53 -0.87
CA THR B 341 -16.32 21.07 -1.98
C THR B 341 -15.42 20.03 -2.63
N LEU B 342 -15.56 18.76 -2.26
CA LEU B 342 -14.82 17.70 -2.92
C LEU B 342 -15.09 17.70 -4.42
N PRO B 343 -14.06 17.53 -5.26
CA PRO B 343 -14.31 17.38 -6.69
C PRO B 343 -15.38 16.34 -6.94
N GLY B 344 -16.36 16.70 -7.77
CA GLY B 344 -17.47 15.81 -8.05
C GLY B 344 -18.58 15.78 -7.03
N MET B 345 -18.42 16.42 -5.86
CA MET B 345 -19.57 16.48 -4.95
C MET B 345 -20.62 17.44 -5.48
N ASP B 346 -20.19 18.54 -6.11
CA ASP B 346 -21.09 19.49 -6.79
C ASP B 346 -22.07 20.14 -5.80
N LEU B 347 -21.56 20.55 -4.64
CA LEU B 347 -22.35 21.28 -3.66
C LEU B 347 -21.71 22.64 -3.45
N GLN B 348 -22.55 23.67 -3.31
CA GLN B 348 -22.09 24.99 -2.89
C GLN B 348 -21.89 24.98 -1.39
N TYR B 349 -20.87 25.69 -0.92
CA TYR B 349 -20.60 25.75 0.50
C TYR B 349 -20.53 27.21 0.96
N ILE B 350 -21.26 27.50 2.03
CA ILE B 350 -21.29 28.83 2.64
C ILE B 350 -21.10 28.65 4.14
N ALA B 351 -20.07 29.26 4.70
CA ALA B 351 -19.84 29.27 6.13
C ALA B 351 -20.24 30.63 6.70
N TRP B 352 -20.92 30.60 7.85
CA TRP B 352 -21.28 31.80 8.58
C TRP B 352 -20.81 31.66 10.02
N GLN B 353 -20.13 32.70 10.51
CA GLN B 353 -19.60 32.75 11.88
C GLN B 353 -20.22 33.91 12.62
N ASN B 354 -20.62 33.68 13.87
CA ASN B 354 -21.15 34.75 14.70
C ASN B 354 -19.99 35.61 15.18
N THR B 355 -20.06 36.91 14.87
CA THR B 355 -19.08 37.89 15.30
C THR B 355 -19.57 38.77 16.43
N MET B 356 -20.76 38.52 16.95
CA MET B 356 -21.39 39.42 17.91
C MET B 356 -21.59 38.72 19.25
N PRO B 357 -20.91 39.19 20.31
CA PRO B 357 -20.95 38.46 21.59
C PRO B 357 -22.29 38.49 22.28
N GLU B 358 -23.20 39.39 21.88
CA GLU B 358 -24.53 39.42 22.48
C GLU B 358 -25.32 38.15 22.15
N ASN B 359 -25.05 37.55 21.00
CA ASN B 359 -25.80 36.39 20.55
C ASN B 359 -25.17 35.07 20.99
N THR B 360 -23.96 35.09 21.54
CA THR B 360 -23.36 33.88 22.07
C THR B 360 -23.83 33.66 23.52
N VAL B 361 -23.89 32.39 23.91
CA VAL B 361 -24.41 32.01 25.22
C VAL B 361 -23.49 30.97 25.84
N THR B 362 -22.44 31.42 26.53
CA THR B 362 -21.44 30.50 27.07
C THR B 362 -22.00 29.76 28.28
N HIS B 363 -21.56 28.52 28.44
CA HIS B 363 -22.00 27.63 29.53
C HIS B 363 -20.80 27.16 30.34
N PRO B 364 -20.15 28.05 31.11
CA PRO B 364 -19.01 27.61 31.92
C PRO B 364 -19.39 26.63 33.01
N GLU B 365 -20.68 26.54 33.37
CA GLU B 365 -21.10 25.73 34.50
C GLU B 365 -21.16 24.23 34.17
N ARG B 366 -21.29 23.88 32.89
CA ARG B 366 -21.46 22.48 32.50
C ARG B 366 -20.21 21.66 32.80
N PRO B 367 -20.35 20.34 32.90
CA PRO B 367 -19.17 19.50 33.19
C PRO B 367 -18.08 19.65 32.15
N TRP B 368 -16.89 19.18 32.50
CA TRP B 368 -15.76 19.22 31.58
C TRP B 368 -16.06 18.46 30.30
N ASP B 369 -16.95 17.47 30.38
CA ASP B 369 -17.34 16.71 29.19
C ASP B 369 -17.86 17.63 28.10
N GLN B 370 -18.72 18.59 28.47
CA GLN B 370 -19.23 19.60 27.54
C GLN B 370 -18.55 20.95 27.71
N GLY B 371 -17.34 20.97 28.25
CA GLY B 371 -16.62 22.22 28.43
C GLY B 371 -17.28 23.21 29.36
N HIS B 375 -13.87 24.65 36.25
CA HIS B 375 -13.13 23.71 37.08
C HIS B 375 -11.63 23.98 37.03
N LEU B 376 -11.22 24.92 36.17
CA LEU B 376 -9.82 25.28 36.02
C LEU B 376 -9.52 26.56 36.81
N ASP B 377 -8.28 27.04 36.65
CA ASP B 377 -7.88 28.31 37.25
C ASP B 377 -8.81 29.43 36.82
N ARG B 378 -9.14 30.32 37.74
CA ARG B 378 -9.75 31.58 37.34
C ARG B 378 -8.80 32.37 36.46
N ALA B 379 -7.49 32.18 36.65
CA ALA B 379 -6.50 32.81 35.78
C ALA B 379 -6.62 32.30 34.35
N GLU B 380 -6.72 30.97 34.19
CA GLU B 380 -6.91 30.40 32.85
C GLU B 380 -8.32 30.69 32.33
N GLN B 381 -9.32 30.64 33.21
CA GLN B 381 -10.69 30.96 32.79
C GLN B 381 -10.80 32.41 32.33
N ALA B 382 -10.04 33.32 32.95
CA ALA B 382 -10.07 34.72 32.54
C ALA B 382 -9.63 34.86 31.10
N ARG B 383 -8.55 34.18 30.71
CA ARG B 383 -8.09 34.25 29.33
C ARG B 383 -9.11 33.66 28.37
N ILE B 384 -9.92 32.70 28.83
CA ILE B 384 -10.79 31.96 27.92
C ILE B 384 -11.92 32.84 27.40
N LEU B 385 -12.48 33.69 28.25
CA LEU B 385 -13.47 34.63 27.73
C LEU B 385 -12.85 35.94 27.26
N GLN B 386 -11.54 36.13 27.44
CA GLN B 386 -10.88 37.29 26.88
C GLN B 386 -10.43 37.06 25.44
N SER B 387 -10.53 35.83 24.92
CA SER B 387 -10.09 35.52 23.56
C SER B 387 -11.23 35.76 22.58
N ARG B 388 -10.86 36.29 21.41
CA ARG B 388 -11.82 36.46 20.32
C ARG B 388 -11.89 35.25 19.41
N GLU B 389 -10.79 34.51 19.25
CA GLU B 389 -10.74 33.33 18.40
C GLU B 389 -10.14 32.17 19.19
N VAL B 390 -10.73 30.99 19.05
CA VAL B 390 -10.10 29.83 19.65
C VAL B 390 -8.77 29.57 18.96
N PRO B 391 -7.67 29.45 19.69
CA PRO B 391 -6.38 29.18 19.04
C PRO B 391 -6.40 27.83 18.36
N ARG B 392 -5.54 27.66 17.36
CA ARG B 392 -5.29 26.33 16.83
C ARG B 392 -4.76 25.45 17.95
N HIS B 393 -5.20 24.20 17.96
CA HIS B 393 -4.91 23.28 19.07
C HIS B 393 -4.91 21.85 18.54
N LEU B 394 -4.44 20.94 19.40
CA LEU B 394 -4.43 19.51 19.11
C LEU B 394 -5.62 18.81 19.79
N CYS B 395 -6.00 17.67 19.21
CA CYS B 395 -7.01 16.80 19.80
C CYS B 395 -6.50 16.25 21.14
N CYS B 396 -7.41 16.03 22.10
CA CYS B 396 -8.88 16.03 21.92
C CYS B 396 -9.62 16.75 23.06
N ARG B 397 -8.91 17.11 24.12
CA ARG B 397 -9.60 17.66 25.28
C ARG B 397 -9.14 19.08 25.57
N ASN B 398 -9.35 19.99 24.61
CA ASN B 398 -8.96 21.37 24.79
C ASN B 398 -10.16 22.16 25.30
N PRO B 399 -10.21 22.54 26.58
CA PRO B 399 -11.41 23.22 27.10
C PRO B 399 -11.69 24.55 26.42
N GLU B 400 -10.64 25.28 26.03
CA GLU B 400 -10.83 26.50 25.24
C GLU B 400 -11.70 26.24 24.01
N TRP B 401 -11.42 25.15 23.28
CA TRP B 401 -12.25 24.85 22.11
C TRP B 401 -13.60 24.28 22.51
N LEU B 402 -13.65 23.45 23.56
CA LEU B 402 -14.90 22.81 23.94
C LEU B 402 -15.87 23.79 24.58
N PHE B 403 -15.36 24.80 25.29
CA PHE B 403 -16.24 25.86 25.79
C PHE B 403 -16.90 26.61 24.65
N ARG B 404 -16.11 27.01 23.65
CA ARG B 404 -16.66 27.84 22.58
C ARG B 404 -17.50 27.01 21.61
N ILE B 405 -17.15 25.76 21.36
CA ILE B 405 -17.90 25.00 20.37
C ILE B 405 -19.26 24.56 20.92
N TYR B 406 -19.43 24.52 22.24
CA TYR B 406 -20.71 24.12 22.82
C TYR B 406 -21.56 25.30 23.26
N GLN B 407 -21.23 26.53 22.85
CA GLN B 407 -22.14 27.62 23.12
C GLN B 407 -23.40 27.49 22.27
N ASP B 408 -24.47 28.07 22.76
CA ASP B 408 -25.66 28.32 21.95
C ASP B 408 -25.52 29.69 21.32
N THR B 409 -26.24 29.89 20.22
CA THR B 409 -25.98 31.03 19.35
C THR B 409 -27.27 31.54 18.77
N LYS B 410 -27.50 32.87 18.85
CA LYS B 410 -28.59 33.53 18.17
C LYS B 410 -28.11 34.03 16.80
N VAL B 411 -28.80 33.60 15.74
CA VAL B 411 -28.35 33.87 14.39
C VAL B 411 -28.73 35.30 14.01
N ASP B 412 -27.72 36.13 13.71
CA ASP B 412 -27.97 37.40 13.05
C ASP B 412 -28.43 37.15 11.63
N ILE B 413 -29.71 37.38 11.38
CA ILE B 413 -30.37 36.95 10.15
C ILE B 413 -29.99 37.81 8.95
N PRO B 414 -29.91 39.15 9.06
CA PRO B 414 -29.38 39.91 7.90
C PRO B 414 -27.94 39.57 7.56
N SER B 415 -27.11 39.29 8.57
CA SER B 415 -25.71 38.98 8.29
C SER B 415 -25.58 37.61 7.63
N LEU B 416 -26.45 36.65 8.01
CA LEU B 416 -26.42 35.34 7.39
C LEU B 416 -26.97 35.36 5.98
N ILE B 417 -28.11 36.03 5.78
CA ILE B 417 -28.72 36.11 4.45
C ILE B 417 -27.76 36.79 3.46
N GLN B 418 -26.98 37.76 3.95
CA GLN B 418 -26.06 38.47 3.07
C GLN B 418 -24.93 37.56 2.59
N THR B 419 -24.29 36.86 3.52
CA THR B 419 -23.18 35.99 3.14
C THR B 419 -23.64 34.75 2.35
N ILE B 420 -24.89 34.31 2.53
CA ILE B 420 -25.43 33.30 1.63
C ILE B 420 -25.58 33.88 0.22
N ARG B 421 -26.10 35.10 0.11
CA ARG B 421 -26.33 35.70 -1.20
C ARG B 421 -25.02 36.00 -1.94
N ARG B 422 -23.90 36.04 -1.24
CA ARG B 422 -22.62 36.21 -1.92
C ARG B 422 -22.26 35.00 -2.77
N VAL B 423 -22.76 33.83 -2.40
CA VAL B 423 -22.55 32.60 -3.15
C VAL B 423 -23.78 32.25 -3.98
N VAL B 424 -24.96 32.22 -3.34
CA VAL B 424 -26.20 31.83 -4.02
C VAL B 424 -26.87 33.10 -4.54
N LYS B 425 -26.73 33.35 -5.84
CA LYS B 425 -27.34 34.50 -6.49
C LYS B 425 -28.59 34.02 -7.22
N GLY B 426 -29.75 34.26 -6.63
CA GLY B 426 -31.01 33.83 -7.23
C GLY B 426 -31.68 32.72 -6.44
N HIS B 427 -32.00 31.62 -7.10
CA HIS B 427 -32.60 30.56 -6.31
C HIS B 427 -31.66 29.36 -6.21
N PRO B 428 -31.54 28.76 -5.03
CA PRO B 428 -30.56 27.70 -4.81
C PRO B 428 -30.98 26.38 -5.44
N GLY B 429 -30.13 25.37 -5.26
CA GLY B 429 -30.44 24.02 -5.67
C GLY B 429 -30.09 23.71 -7.12
N PRO B 430 -30.32 22.44 -7.51
CA PRO B 430 -30.03 22.02 -8.89
C PRO B 430 -30.99 22.59 -9.93
N ARG B 431 -31.12 23.90 -9.99
CA ARG B 431 -32.06 24.54 -10.92
C ARG B 431 -31.38 24.69 -12.28
N LYS B 432 -31.77 23.84 -13.24
CA LYS B 432 -31.31 23.93 -14.63
C LYS B 432 -29.79 23.81 -14.74
N GLN B 433 -29.20 22.89 -13.98
CA GLN B 433 -27.77 22.65 -13.98
C GLN B 433 -27.47 21.24 -14.46
N LYS B 434 -26.43 21.09 -15.28
CA LYS B 434 -26.03 19.79 -15.80
C LYS B 434 -24.53 19.62 -15.63
N TRP B 435 -24.14 18.53 -14.97
CA TRP B 435 -22.73 18.25 -14.67
C TRP B 435 -22.24 17.12 -15.56
N THR B 436 -21.07 17.31 -16.16
CA THR B 436 -20.39 16.27 -16.92
C THR B 436 -19.24 15.70 -16.10
N VAL B 437 -18.91 14.45 -16.34
CA VAL B 437 -17.70 13.89 -15.77
C VAL B 437 -16.52 14.41 -16.58
N SER B 438 -15.45 14.79 -15.89
CA SER B 438 -14.26 15.34 -16.53
C SER B 438 -13.29 14.21 -16.83
N LEU B 439 -13.06 13.95 -18.12
CA LEU B 439 -12.15 12.90 -18.58
C LEU B 439 -10.85 13.52 -19.07
N TYR B 440 -9.76 12.79 -18.93
CA TYR B 440 -8.45 13.31 -19.28
C TYR B 440 -8.01 12.82 -20.66
N PRO B 441 -7.15 13.57 -21.36
CA PRO B 441 -6.63 13.09 -22.64
C PRO B 441 -5.72 11.89 -22.47
N GLY B 442 -5.70 11.04 -23.50
CA GLY B 442 -4.66 10.06 -23.65
C GLY B 442 -3.40 10.74 -24.17
N LYS B 443 -2.35 9.94 -24.35
CA LYS B 443 -1.10 10.42 -24.94
C LYS B 443 -1.29 10.80 -26.41
N VAL B 444 -0.59 11.86 -26.86
CA VAL B 444 -0.56 12.11 -28.31
C VAL B 444 0.18 10.95 -28.96
N ARG B 445 -0.05 10.75 -30.26
CA ARG B 445 0.44 9.55 -30.94
C ARG B 445 1.30 9.90 -32.15
N GLU B 446 2.24 8.99 -32.44
CA GLU B 446 3.05 9.08 -33.65
C GLU B 446 3.80 10.41 -33.71
N ALA B 447 4.23 10.90 -32.55
CA ALA B 447 5.03 12.12 -32.53
C ALA B 447 6.25 11.95 -33.43
N ARG B 448 6.58 13.00 -34.17
CA ARG B 448 7.70 12.99 -35.08
C ARG B 448 8.46 14.31 -34.93
N CYS B 449 9.72 14.31 -35.33
CA CYS B 449 10.47 15.55 -35.32
C CYS B 449 11.48 15.54 -36.46
N GLN B 450 11.84 16.74 -36.90
CA GLN B 450 12.74 16.92 -38.05
C GLN B 450 13.58 18.15 -37.80
N ALA B 451 14.89 17.98 -37.77
CA ALA B 451 15.82 19.09 -37.64
C ALA B 451 16.27 19.56 -39.02
N SER B 452 16.90 20.73 -39.03
CA SER B 452 17.46 21.33 -40.25
C SER B 452 18.68 20.57 -40.75
N SER B 457 23.52 26.86 -41.70
CA SER B 457 22.52 27.91 -41.85
C SER B 457 22.02 28.38 -40.49
N GLU B 458 20.70 28.46 -40.40
CA GLU B 458 19.99 28.66 -39.14
C GLU B 458 19.50 27.29 -38.66
N ALA B 459 19.79 26.95 -37.41
CA ALA B 459 19.31 25.70 -36.84
C ALA B 459 17.81 25.80 -36.54
N ARG B 460 17.06 24.79 -36.98
CA ARG B 460 15.61 24.73 -36.80
C ARG B 460 15.17 23.33 -36.37
N LEU B 461 14.01 23.28 -35.70
CA LEU B 461 13.43 22.02 -35.24
C LEU B 461 11.92 22.05 -35.40
N SER B 462 11.38 21.02 -36.04
CA SER B 462 9.94 20.92 -36.30
C SER B 462 9.41 19.63 -35.69
N VAL B 463 8.18 19.67 -35.16
CA VAL B 463 7.58 18.55 -34.45
C VAL B 463 6.13 18.45 -34.88
N SER B 464 5.59 17.22 -34.88
CA SER B 464 4.19 17.00 -35.22
C SER B 464 3.68 15.78 -34.46
N TRP B 465 2.36 15.68 -34.37
CA TRP B 465 1.78 14.53 -33.67
C TRP B 465 0.33 14.36 -34.09
N GLN B 466 -0.20 13.19 -33.80
CA GLN B 466 -1.60 12.87 -34.00
C GLN B 466 -2.34 13.00 -32.67
N ILE B 467 -3.65 13.12 -32.75
CA ILE B 467 -4.47 13.32 -31.56
C ILE B 467 -4.44 12.08 -30.67
N PRO B 468 -4.62 12.24 -29.37
CA PRO B 468 -4.79 11.07 -28.50
C PRO B 468 -5.88 10.15 -29.02
N TRP B 469 -5.67 8.85 -28.85
CA TRP B 469 -6.63 7.86 -29.34
C TRP B 469 -8.05 8.13 -28.83
N ASN B 470 -8.20 8.46 -27.53
CA ASN B 470 -9.55 8.64 -27.00
C ASN B 470 -10.22 9.90 -27.54
N LEU B 471 -9.45 10.91 -27.97
CA LEU B 471 -10.04 12.08 -28.60
C LEU B 471 -10.80 11.74 -29.89
N LYS B 472 -10.50 10.60 -30.52
CA LYS B 472 -11.26 10.18 -31.70
C LYS B 472 -12.72 9.96 -31.38
N TYR B 473 -13.08 9.76 -30.11
CA TYR B 473 -14.46 9.45 -29.71
C TYR B 473 -15.04 10.50 -28.78
N LEU B 474 -14.47 11.70 -28.76
CA LEU B 474 -14.88 12.75 -27.83
C LEU B 474 -15.19 14.04 -28.57
N LYS B 475 -16.09 14.82 -27.99
CA LYS B 475 -16.33 16.21 -28.38
C LYS B 475 -15.84 17.06 -27.22
N VAL B 476 -14.75 17.78 -27.41
CA VAL B 476 -14.15 18.57 -26.35
C VAL B 476 -14.12 20.04 -26.78
N ARG B 477 -14.50 20.93 -25.86
CA ARG B 477 -14.63 22.35 -26.19
C ARG B 477 -13.28 22.95 -26.57
N GLU B 478 -12.23 22.63 -25.80
CA GLU B 478 -10.92 23.22 -26.01
C GLU B 478 -9.84 22.16 -25.91
N VAL B 479 -9.05 22.02 -26.97
CA VAL B 479 -7.94 21.07 -27.01
C VAL B 479 -6.66 21.87 -27.27
N LYS B 480 -5.69 21.74 -26.36
CA LYS B 480 -4.37 22.35 -26.51
C LYS B 480 -3.30 21.29 -26.27
N TYR B 481 -2.07 21.60 -26.68
CA TYR B 481 -0.91 20.75 -26.46
C TYR B 481 0.16 21.58 -25.78
N GLU B 482 0.64 21.10 -24.64
CA GLU B 482 1.76 21.74 -23.95
C GLU B 482 3.03 21.01 -24.35
N VAL B 483 4.00 21.76 -24.86
CA VAL B 483 5.21 21.17 -25.40
C VAL B 483 6.39 21.74 -24.63
N TRP B 484 7.25 20.85 -24.12
CA TRP B 484 8.46 21.21 -23.39
C TRP B 484 9.67 20.94 -24.27
N LEU B 485 10.46 21.98 -24.54
CA LEU B 485 11.68 21.85 -25.32
C LEU B 485 12.85 21.82 -24.35
N GLN B 486 13.58 20.71 -24.34
CA GLN B 486 14.66 20.50 -23.37
C GLN B 486 15.97 20.23 -24.12
N GLU B 487 17.02 20.95 -23.75
CA GLU B 487 18.34 20.64 -24.26
C GLU B 487 18.93 19.49 -23.44
N GLN B 488 19.46 18.49 -24.13
CA GLN B 488 19.99 17.31 -23.45
C GLN B 488 21.01 17.71 -22.39
N GLY B 489 20.94 17.02 -21.24
CA GLY B 489 21.81 17.33 -20.12
C GLY B 489 21.34 18.48 -19.24
N GLU B 490 20.47 19.34 -19.75
CA GLU B 490 19.91 20.41 -18.94
C GLU B 490 18.71 19.90 -18.15
N ASN B 491 18.65 20.29 -16.89
CA ASN B 491 17.52 19.95 -16.02
C ASN B 491 16.43 21.00 -16.08
N THR B 492 16.15 21.53 -17.26
CA THR B 492 15.10 22.52 -17.44
C THR B 492 14.60 22.42 -18.87
N TYR B 493 13.66 23.29 -19.21
CA TYR B 493 13.02 23.27 -20.51
C TYR B 493 12.38 24.63 -20.73
N VAL B 494 11.95 24.86 -21.97
CA VAL B 494 11.13 26.01 -22.34
C VAL B 494 9.76 25.49 -22.75
N PRO B 495 8.69 25.93 -22.08
CA PRO B 495 7.34 25.44 -22.38
C PRO B 495 6.59 26.31 -23.38
N TYR B 496 5.79 25.63 -24.20
CA TYR B 496 4.96 26.24 -25.24
C TYR B 496 3.55 25.69 -25.13
N MET B 497 2.53 26.54 -25.28
CA MET B 497 1.14 26.09 -25.30
C MET B 497 0.59 26.30 -26.70
N LEU B 498 0.17 25.21 -27.36
CA LEU B 498 -0.15 25.26 -28.77
C LEU B 498 -1.56 24.73 -29.04
N ALA B 499 -2.23 25.34 -30.02
CA ALA B 499 -3.48 24.79 -30.52
C ALA B 499 -3.25 23.80 -31.67
N LEU B 500 -2.25 24.03 -32.50
CA LEU B 500 -2.00 23.15 -33.63
C LEU B 500 -1.31 21.85 -33.16
N GLN B 501 -1.35 20.86 -34.04
CA GLN B 501 -0.70 19.57 -33.83
C GLN B 501 0.73 19.53 -34.39
N ASN B 502 1.35 20.69 -34.59
CA ASN B 502 2.72 20.80 -35.10
C ASN B 502 3.28 22.18 -34.77
N HIS B 503 4.61 22.29 -34.80
CA HIS B 503 5.29 23.52 -34.43
C HIS B 503 6.67 23.50 -35.04
N THR B 504 7.21 24.70 -35.28
CA THR B 504 8.62 24.88 -35.60
C THR B 504 9.24 25.82 -34.58
N PHE B 505 10.31 25.35 -33.93
CA PHE B 505 11.03 26.15 -32.94
C PHE B 505 12.09 26.98 -33.64
N THR B 506 12.16 28.26 -33.28
CA THR B 506 13.10 29.19 -33.90
C THR B 506 13.95 29.91 -32.85
N GLU B 507 13.36 30.15 -31.68
CA GLU B 507 13.96 30.99 -30.65
C GLU B 507 15.28 30.43 -30.13
N ASN B 508 15.22 29.30 -29.44
CA ASN B 508 16.34 28.79 -28.65
C ASN B 508 17.37 28.02 -29.46
N ILE B 509 17.08 27.68 -30.71
CA ILE B 509 17.68 26.49 -31.32
C ILE B 509 19.09 26.77 -31.77
N LYS B 510 20.03 25.91 -31.36
CA LYS B 510 21.45 25.94 -31.65
C LYS B 510 21.82 24.77 -32.55
N PRO B 511 22.89 24.91 -33.35
CA PRO B 511 23.31 23.79 -34.20
C PRO B 511 23.98 22.68 -33.38
N PHE B 512 24.03 21.50 -34.00
CA PHE B 512 24.73 20.32 -33.45
C PHE B 512 24.38 20.12 -31.97
N THR B 513 23.08 20.11 -31.69
CA THR B 513 22.59 19.99 -30.32
C THR B 513 21.44 19.00 -30.29
N THR B 514 21.46 18.11 -29.30
CA THR B 514 20.38 17.14 -29.11
C THR B 514 19.33 17.75 -28.20
N TYR B 515 18.09 17.81 -28.69
CA TYR B 515 16.96 18.34 -27.96
C TYR B 515 15.98 17.23 -27.62
N LEU B 516 15.28 17.39 -26.49
CA LEU B 516 14.24 16.47 -26.07
C LEU B 516 12.93 17.25 -26.04
N VAL B 517 11.90 16.71 -26.71
CA VAL B 517 10.61 17.37 -26.86
C VAL B 517 9.56 16.51 -26.19
N TRP B 518 8.94 17.04 -25.13
CA TRP B 518 7.85 16.38 -24.42
C TRP B 518 6.53 17.04 -24.79
N ILE B 519 5.49 16.22 -24.98
CA ILE B 519 4.19 16.70 -25.48
C ILE B 519 3.09 16.09 -24.65
N ARG B 520 2.18 16.92 -24.16
CA ARG B 520 0.96 16.41 -23.55
C ARG B 520 -0.24 17.20 -24.05
N CYS B 521 -1.38 16.53 -24.09
CA CYS B 521 -2.65 17.12 -24.46
C CYS B 521 -3.35 17.63 -23.21
N ILE B 522 -4.09 18.73 -23.37
CA ILE B 522 -4.83 19.40 -22.30
C ILE B 522 -6.24 19.67 -22.78
N PHE B 523 -7.23 19.13 -22.06
CA PHE B 523 -8.64 19.43 -22.32
C PHE B 523 -9.07 20.59 -21.42
N ASN B 524 -9.67 21.62 -22.03
CA ASN B 524 -10.33 22.71 -21.31
C ASN B 524 -9.47 23.27 -20.18
N LYS B 525 -8.20 23.53 -20.51
CA LYS B 525 -7.24 24.25 -19.66
C LYS B 525 -6.73 23.49 -18.44
N THR B 526 -7.57 22.69 -17.77
CA THR B 526 -7.17 22.10 -16.50
C THR B 526 -7.05 20.58 -16.51
N LEU B 527 -7.38 19.93 -17.63
CA LEU B 527 -7.35 18.47 -17.71
C LEU B 527 -6.08 18.06 -18.42
N LEU B 528 -4.99 18.02 -17.65
CA LEU B 528 -3.68 17.68 -18.20
C LEU B 528 -3.59 16.17 -18.45
N GLY B 529 -3.25 15.77 -19.66
CA GLY B 529 -3.05 14.37 -19.97
C GLY B 529 -1.60 13.98 -19.77
N PRO B 530 -1.27 12.72 -20.00
CA PRO B 530 0.12 12.27 -19.82
C PRO B 530 1.00 12.72 -20.98
N PHE B 531 2.29 12.82 -20.70
CA PHE B 531 3.25 13.03 -21.77
C PHE B 531 3.41 11.74 -22.58
N ALA B 532 3.65 11.88 -23.89
CA ALA B 532 3.98 10.75 -24.75
C ALA B 532 5.43 10.35 -24.50
N ASP B 533 5.89 9.29 -25.16
CA ASP B 533 7.33 9.00 -25.17
C ASP B 533 8.08 10.22 -25.69
N VAL B 534 9.22 10.52 -25.06
CA VAL B 534 9.91 11.76 -25.40
C VAL B 534 10.51 11.65 -26.79
N LEU B 535 10.48 12.77 -27.51
CA LEU B 535 11.10 12.88 -28.83
C LEU B 535 12.54 13.33 -28.67
N VAL B 536 13.48 12.58 -29.24
CA VAL B 536 14.89 12.94 -29.23
C VAL B 536 15.27 13.34 -30.65
N CYS B 537 15.75 14.56 -30.80
CA CYS B 537 16.08 15.11 -32.11
C CYS B 537 17.35 15.92 -31.97
N SER B 538 18.28 15.74 -32.91
CA SER B 538 19.56 16.44 -32.87
C SER B 538 19.75 17.27 -34.13
N THR B 539 20.30 18.47 -33.95
CA THR B 539 20.59 19.35 -35.06
C THR B 539 22.02 19.12 -35.56
N GLN C 2 17.95 -8.85 -22.10
CA GLN C 2 18.28 -7.43 -22.09
C GLN C 2 17.41 -6.58 -21.15
N THR C 3 18.03 -6.08 -20.09
CA THR C 3 17.32 -5.40 -19.01
C THR C 3 16.64 -4.13 -19.52
N PRO C 4 15.36 -3.91 -19.19
CA PRO C 4 14.72 -2.66 -19.60
C PRO C 4 15.42 -1.48 -18.95
N THR C 5 15.88 -0.56 -19.79
CA THR C 5 16.53 0.66 -19.34
C THR C 5 15.49 1.76 -19.20
N LEU C 6 15.79 2.72 -18.32
CA LEU C 6 14.91 3.86 -18.15
C LEU C 6 14.84 4.69 -19.43
N GLY C 7 13.66 5.23 -19.72
CA GLY C 7 13.55 6.33 -20.66
C GLY C 7 14.09 7.60 -20.03
N PRO C 8 14.30 8.65 -20.82
CA PRO C 8 14.86 9.89 -20.27
C PRO C 8 13.98 10.46 -19.17
N ILE C 9 14.62 11.08 -18.19
CA ILE C 9 13.94 11.64 -17.02
C ILE C 9 13.43 13.03 -17.38
N GLN C 10 12.20 13.32 -17.01
CA GLN C 10 11.79 14.66 -17.44
C GLN C 10 12.33 15.73 -16.47
N PRO C 11 12.71 16.89 -16.98
CA PRO C 11 13.46 17.85 -16.15
C PRO C 11 12.69 18.29 -14.91
N THR C 12 13.40 18.30 -13.77
CA THR C 12 12.85 18.75 -12.50
C THR C 12 12.81 20.27 -12.39
N ARG C 13 13.62 20.97 -13.20
CA ARG C 13 13.78 22.41 -13.17
C ARG C 13 14.22 22.90 -11.78
#